data_1X6J
# 
_entry.id   1X6J 
# 
_audit_conform.dict_name       mmcif_pdbx.dic 
_audit_conform.dict_version    5.386 
_audit_conform.dict_location   http://mmcif.pdb.org/dictionaries/ascii/mmcif_pdbx.dic 
# 
loop_
_database_2.database_id 
_database_2.database_code 
_database_2.pdbx_database_accession 
_database_2.pdbx_DOI 
PDB   1X6J         pdb_00001x6j 10.2210/pdb1x6j/pdb 
RCSB  RCSB030001   ?            ?                   
WWPDB D_1000030001 ?            ?                   
# 
loop_
_pdbx_audit_revision_history.ordinal 
_pdbx_audit_revision_history.data_content_type 
_pdbx_audit_revision_history.major_revision 
_pdbx_audit_revision_history.minor_revision 
_pdbx_audit_revision_history.revision_date 
1 'Structure model' 1 0 2005-02-08 
2 'Structure model' 1 1 2008-04-30 
3 'Structure model' 1 2 2011-07-13 
4 'Structure model' 1 3 2017-10-11 
5 'Structure model' 1 4 2024-02-14 
# 
_pdbx_audit_revision_details.ordinal             1 
_pdbx_audit_revision_details.revision_ordinal    1 
_pdbx_audit_revision_details.data_content_type   'Structure model' 
_pdbx_audit_revision_details.provider            repository 
_pdbx_audit_revision_details.type                'Initial release' 
_pdbx_audit_revision_details.description         ? 
_pdbx_audit_revision_details.details             ? 
# 
loop_
_pdbx_audit_revision_group.ordinal 
_pdbx_audit_revision_group.revision_ordinal 
_pdbx_audit_revision_group.data_content_type 
_pdbx_audit_revision_group.group 
1 2 'Structure model' 'Version format compliance' 
2 3 'Structure model' 'Version format compliance' 
3 4 'Structure model' 'Refinement description'    
4 5 'Structure model' 'Data collection'           
5 5 'Structure model' 'Database references'       
# 
loop_
_pdbx_audit_revision_category.ordinal 
_pdbx_audit_revision_category.revision_ordinal 
_pdbx_audit_revision_category.data_content_type 
_pdbx_audit_revision_category.category 
1 4 'Structure model' software           
2 5 'Structure model' chem_comp_atom     
3 5 'Structure model' chem_comp_bond     
4 5 'Structure model' database_2         
5 5 'Structure model' struct_ref_seq_dif 
# 
loop_
_pdbx_audit_revision_item.ordinal 
_pdbx_audit_revision_item.revision_ordinal 
_pdbx_audit_revision_item.data_content_type 
_pdbx_audit_revision_item.item 
1 5 'Structure model' '_database_2.pdbx_DOI'                
2 5 'Structure model' '_database_2.pdbx_database_accession' 
3 5 'Structure model' '_struct_ref_seq_dif.details'         
# 
_pdbx_database_status.status_code                     REL 
_pdbx_database_status.entry_id                        1X6J 
_pdbx_database_status.recvd_initial_deposition_date   2004-08-11 
_pdbx_database_status.deposit_site                    RCSB 
_pdbx_database_status.process_site                    RCSB 
_pdbx_database_status.status_code_sf                  REL 
_pdbx_database_status.status_code_mr                  ? 
_pdbx_database_status.SG_entry                        Y 
_pdbx_database_status.pdb_format_compatible           Y 
_pdbx_database_status.status_code_cs                  ? 
_pdbx_database_status.methods_development_category    ? 
_pdbx_database_status.status_code_nmr_data            ? 
# 
loop_
_pdbx_database_related.db_name 
_pdbx_database_related.db_id 
_pdbx_database_related.details 
_pdbx_database_related.content_type 
PDB      1X6I . unspecified 
TargetDB ygfY . unspecified 
# 
loop_
_audit_author.name 
_audit_author.pdbx_ordinal 
'Lim, K.'                            1 
'Doseeva, V.'                        2 
'Sarikaya Demirkan, E.'              3 
'Pullalarevu, S.'                    4 
'Krajewski, W.'                      5 
'Galkin, A.'                         6 
'Howard, A.'                         7 
'Herzberg, O.'                       8 
'Structure 2 Function Project (S2F)' 9 
# 
_citation.id                        primary 
_citation.title                     
'Crystal structure of the YgfY from Escherichia coli, a protein that may be involved in transcriptional regulation' 
_citation.journal_abbrev            Proteins 
_citation.journal_volume            58 
_citation.page_first                759 
_citation.page_last                 763 
_citation.year                      2005 
_citation.journal_id_ASTM           PSFGEY 
_citation.country                   US 
_citation.journal_id_ISSN           0887-3585 
_citation.journal_id_CSD            0867 
_citation.book_publisher            ? 
_citation.pdbx_database_id_PubMed   15593094 
_citation.pdbx_database_id_DOI      10.1002/prot.20337 
# 
loop_
_citation_author.citation_id 
_citation_author.name 
_citation_author.ordinal 
_citation_author.identifier_ORCID 
primary 'Lim, K.'               1 ? 
primary 'Doseeva, V.'           2 ? 
primary 'Sarikaya Demirkan, E.' 3 ? 
primary 'Pullalarevu, S.'       4 ? 
primary 'Krajewski, W.'         5 ? 
primary 'Galkin, A.'            6 ? 
primary 'Howard, A.'            7 ? 
primary 'Herzberg, O.'          8 ? 
# 
loop_
_entity.id 
_entity.type 
_entity.src_method 
_entity.pdbx_description 
_entity.formula_weight 
_entity.pdbx_number_of_molecules 
_entity.pdbx_ec 
_entity.pdbx_mutation 
_entity.pdbx_fragment 
_entity.details 
1 polymer man 'Hypothetical protein ygfY' 10845.427 1  ? ? ? ? 
2 water   nat water                       18.015    37 ? ? ? ? 
# 
_entity_poly.entity_id                      1 
_entity_poly.type                           'polypeptide(L)' 
_entity_poly.nstd_linkage                   no 
_entity_poly.nstd_monomer                   no 
_entity_poly.pdbx_seq_one_letter_code       
;GSHMDINNKARIHWACRRGMRELDISIMPFFEHEYDSLSDDEKRIFIRLLECDDPDLFNWLMNHGKPADAELEMMVRLIQ
TRNRERGPVAI
;
_entity_poly.pdbx_seq_one_letter_code_can   
;GSHMDINNKARIHWACRRGMRELDISIMPFFEHEYDSLSDDEKRIFIRLLECDDPDLFNWLMNHGKPADAELEMMVRLIQ
TRNRERGPVAI
;
_entity_poly.pdbx_strand_id                 A 
_entity_poly.pdbx_target_identifier         ygfY 
# 
_pdbx_entity_nonpoly.entity_id   2 
_pdbx_entity_nonpoly.name        water 
_pdbx_entity_nonpoly.comp_id     HOH 
# 
loop_
_entity_poly_seq.entity_id 
_entity_poly_seq.num 
_entity_poly_seq.mon_id 
_entity_poly_seq.hetero 
1 1  GLY n 
1 2  SER n 
1 3  HIS n 
1 4  MET n 
1 5  ASP n 
1 6  ILE n 
1 7  ASN n 
1 8  ASN n 
1 9  LYS n 
1 10 ALA n 
1 11 ARG n 
1 12 ILE n 
1 13 HIS n 
1 14 TRP n 
1 15 ALA n 
1 16 CYS n 
1 17 ARG n 
1 18 ARG n 
1 19 GLY n 
1 20 MET n 
1 21 ARG n 
1 22 GLU n 
1 23 LEU n 
1 24 ASP n 
1 25 ILE n 
1 26 SER n 
1 27 ILE n 
1 28 MET n 
1 29 PRO n 
1 30 PHE n 
1 31 PHE n 
1 32 GLU n 
1 33 HIS n 
1 34 GLU n 
1 35 TYR n 
1 36 ASP n 
1 37 SER n 
1 38 LEU n 
1 39 SER n 
1 40 ASP n 
1 41 ASP n 
1 42 GLU n 
1 43 LYS n 
1 44 ARG n 
1 45 ILE n 
1 46 PHE n 
1 47 ILE n 
1 48 ARG n 
1 49 LEU n 
1 50 LEU n 
1 51 GLU n 
1 52 CYS n 
1 53 ASP n 
1 54 ASP n 
1 55 PRO n 
1 56 ASP n 
1 57 LEU n 
1 58 PHE n 
1 59 ASN n 
1 60 TRP n 
1 61 LEU n 
1 62 MET n 
1 63 ASN n 
1 64 HIS n 
1 65 GLY n 
1 66 LYS n 
1 67 PRO n 
1 68 ALA n 
1 69 ASP n 
1 70 ALA n 
1 71 GLU n 
1 72 LEU n 
1 73 GLU n 
1 74 MET n 
1 75 MET n 
1 76 VAL n 
1 77 ARG n 
1 78 LEU n 
1 79 ILE n 
1 80 GLN n 
1 81 THR n 
1 82 ARG n 
1 83 ASN n 
1 84 ARG n 
1 85 GLU n 
1 86 ARG n 
1 87 GLY n 
1 88 PRO n 
1 89 VAL n 
1 90 ALA n 
1 91 ILE n 
# 
_entity_src_gen.entity_id                          1 
_entity_src_gen.pdbx_src_id                        1 
_entity_src_gen.pdbx_alt_source_flag               sample 
_entity_src_gen.pdbx_seq_type                      ? 
_entity_src_gen.pdbx_beg_seq_num                   ? 
_entity_src_gen.pdbx_end_seq_num                   ? 
_entity_src_gen.gene_src_common_name               ? 
_entity_src_gen.gene_src_genus                     Escherichia 
_entity_src_gen.pdbx_gene_src_gene                 ygfY 
_entity_src_gen.gene_src_species                   ? 
_entity_src_gen.gene_src_strain                    ? 
_entity_src_gen.gene_src_tissue                    ? 
_entity_src_gen.gene_src_tissue_fraction           ? 
_entity_src_gen.gene_src_details                   ? 
_entity_src_gen.pdbx_gene_src_fragment             ? 
_entity_src_gen.pdbx_gene_src_scientific_name      'Escherichia coli' 
_entity_src_gen.pdbx_gene_src_ncbi_taxonomy_id     562 
_entity_src_gen.pdbx_gene_src_variant              ? 
_entity_src_gen.pdbx_gene_src_cell_line            ? 
_entity_src_gen.pdbx_gene_src_atcc                 ? 
_entity_src_gen.pdbx_gene_src_organ                ? 
_entity_src_gen.pdbx_gene_src_organelle            ? 
_entity_src_gen.pdbx_gene_src_cell                 ? 
_entity_src_gen.pdbx_gene_src_cellular_location    ? 
_entity_src_gen.host_org_common_name               ? 
_entity_src_gen.pdbx_host_org_scientific_name      'Escherichia coli' 
_entity_src_gen.pdbx_host_org_ncbi_taxonomy_id     562 
_entity_src_gen.host_org_genus                     Escherichia 
_entity_src_gen.pdbx_host_org_gene                 ? 
_entity_src_gen.pdbx_host_org_organ                ? 
_entity_src_gen.host_org_species                   ? 
_entity_src_gen.pdbx_host_org_tissue               ? 
_entity_src_gen.pdbx_host_org_tissue_fraction      ? 
_entity_src_gen.pdbx_host_org_strain               'BL21 Star (DE3)' 
_entity_src_gen.pdbx_host_org_variant              ? 
_entity_src_gen.pdbx_host_org_cell_line            ? 
_entity_src_gen.pdbx_host_org_atcc                 ? 
_entity_src_gen.pdbx_host_org_culture_collection   ? 
_entity_src_gen.pdbx_host_org_cell                 ? 
_entity_src_gen.pdbx_host_org_organelle            ? 
_entity_src_gen.pdbx_host_org_cellular_location    ? 
_entity_src_gen.pdbx_host_org_vector_type          pET100/D-TOPO 
_entity_src_gen.pdbx_host_org_vector               ? 
_entity_src_gen.host_org_details                   ? 
_entity_src_gen.expression_system_id               ? 
_entity_src_gen.plasmid_name                       ? 
_entity_src_gen.plasmid_details                    ? 
_entity_src_gen.pdbx_description                   ? 
# 
loop_
_chem_comp.id 
_chem_comp.type 
_chem_comp.mon_nstd_flag 
_chem_comp.name 
_chem_comp.pdbx_synonyms 
_chem_comp.formula 
_chem_comp.formula_weight 
ALA 'L-peptide linking' y ALANINE         ? 'C3 H7 N O2'     89.093  
ARG 'L-peptide linking' y ARGININE        ? 'C6 H15 N4 O2 1' 175.209 
ASN 'L-peptide linking' y ASPARAGINE      ? 'C4 H8 N2 O3'    132.118 
ASP 'L-peptide linking' y 'ASPARTIC ACID' ? 'C4 H7 N O4'     133.103 
CYS 'L-peptide linking' y CYSTEINE        ? 'C3 H7 N O2 S'   121.158 
GLN 'L-peptide linking' y GLUTAMINE       ? 'C5 H10 N2 O3'   146.144 
GLU 'L-peptide linking' y 'GLUTAMIC ACID' ? 'C5 H9 N O4'     147.129 
GLY 'peptide linking'   y GLYCINE         ? 'C2 H5 N O2'     75.067  
HIS 'L-peptide linking' y HISTIDINE       ? 'C6 H10 N3 O2 1' 156.162 
HOH non-polymer         . WATER           ? 'H2 O'           18.015  
ILE 'L-peptide linking' y ISOLEUCINE      ? 'C6 H13 N O2'    131.173 
LEU 'L-peptide linking' y LEUCINE         ? 'C6 H13 N O2'    131.173 
LYS 'L-peptide linking' y LYSINE          ? 'C6 H15 N2 O2 1' 147.195 
MET 'L-peptide linking' y METHIONINE      ? 'C5 H11 N O2 S'  149.211 
PHE 'L-peptide linking' y PHENYLALANINE   ? 'C9 H11 N O2'    165.189 
PRO 'L-peptide linking' y PROLINE         ? 'C5 H9 N O2'     115.130 
SER 'L-peptide linking' y SERINE          ? 'C3 H7 N O3'     105.093 
THR 'L-peptide linking' y THREONINE       ? 'C4 H9 N O3'     119.119 
TRP 'L-peptide linking' y TRYPTOPHAN      ? 'C11 H12 N2 O2'  204.225 
TYR 'L-peptide linking' y TYROSINE        ? 'C9 H11 N O3'    181.189 
VAL 'L-peptide linking' y VALINE          ? 'C5 H11 N O2'    117.146 
# 
loop_
_pdbx_poly_seq_scheme.asym_id 
_pdbx_poly_seq_scheme.entity_id 
_pdbx_poly_seq_scheme.seq_id 
_pdbx_poly_seq_scheme.mon_id 
_pdbx_poly_seq_scheme.ndb_seq_num 
_pdbx_poly_seq_scheme.pdb_seq_num 
_pdbx_poly_seq_scheme.auth_seq_num 
_pdbx_poly_seq_scheme.pdb_mon_id 
_pdbx_poly_seq_scheme.auth_mon_id 
_pdbx_poly_seq_scheme.pdb_strand_id 
_pdbx_poly_seq_scheme.pdb_ins_code 
_pdbx_poly_seq_scheme.hetero 
A 1 1  GLY 1  -2 ?  ?   ?   A . n 
A 1 2  SER 2  -1 ?  ?   ?   A . n 
A 1 3  HIS 3  0  ?  ?   ?   A . n 
A 1 4  MET 4  1  1  MET MET A . n 
A 1 5  ASP 5  2  2  ASP ASP A . n 
A 1 6  ILE 6  3  3  ILE ILE A . n 
A 1 7  ASN 7  4  4  ASN ASN A . n 
A 1 8  ASN 8  5  5  ASN ASN A . n 
A 1 9  LYS 9  6  6  LYS LYS A . n 
A 1 10 ALA 10 7  7  ALA ALA A . n 
A 1 11 ARG 11 8  8  ARG ARG A . n 
A 1 12 ILE 12 9  9  ILE ILE A . n 
A 1 13 HIS 13 10 10 HIS HIS A . n 
A 1 14 TRP 14 11 11 TRP TRP A . n 
A 1 15 ALA 15 12 12 ALA ALA A . n 
A 1 16 CYS 16 13 13 CYS CYS A . n 
A 1 17 ARG 17 14 14 ARG ARG A . n 
A 1 18 ARG 18 15 15 ARG ARG A . n 
A 1 19 GLY 19 16 16 GLY GLY A . n 
A 1 20 MET 20 17 17 MET MET A . n 
A 1 21 ARG 21 18 18 ARG ARG A . n 
A 1 22 GLU 22 19 19 GLU GLU A . n 
A 1 23 LEU 23 20 20 LEU LEU A . n 
A 1 24 ASP 24 21 21 ASP ASP A . n 
A 1 25 ILE 25 22 22 ILE ILE A . n 
A 1 26 SER 26 23 23 SER SER A . n 
A 1 27 ILE 27 24 24 ILE ILE A . n 
A 1 28 MET 28 25 25 MET MET A . n 
A 1 29 PRO 29 26 26 PRO PRO A . n 
A 1 30 PHE 30 27 27 PHE PHE A . n 
A 1 31 PHE 31 28 28 PHE PHE A . n 
A 1 32 GLU 32 29 29 GLU GLU A . n 
A 1 33 HIS 33 30 30 HIS HIS A . n 
A 1 34 GLU 34 31 31 GLU GLU A . n 
A 1 35 TYR 35 32 32 TYR TYR A . n 
A 1 36 ASP 36 33 33 ASP ASP A . n 
A 1 37 SER 37 34 34 SER SER A . n 
A 1 38 LEU 38 35 35 LEU LEU A . n 
A 1 39 SER 39 36 36 SER SER A . n 
A 1 40 ASP 40 37 37 ASP ASP A . n 
A 1 41 ASP 41 38 38 ASP ASP A . n 
A 1 42 GLU 42 39 39 GLU GLU A . n 
A 1 43 LYS 43 40 40 LYS LYS A . n 
A 1 44 ARG 44 41 41 ARG ARG A . n 
A 1 45 ILE 45 42 42 ILE ILE A . n 
A 1 46 PHE 46 43 43 PHE PHE A . n 
A 1 47 ILE 47 44 44 ILE ILE A . n 
A 1 48 ARG 48 45 45 ARG ARG A . n 
A 1 49 LEU 49 46 46 LEU LEU A . n 
A 1 50 LEU 50 47 47 LEU LEU A . n 
A 1 51 GLU 51 48 48 GLU GLU A . n 
A 1 52 CYS 52 49 49 CYS CYS A . n 
A 1 53 ASP 53 50 50 ASP ASP A . n 
A 1 54 ASP 54 51 51 ASP ASP A . n 
A 1 55 PRO 55 52 52 PRO PRO A . n 
A 1 56 ASP 56 53 53 ASP ASP A . n 
A 1 57 LEU 57 54 54 LEU LEU A . n 
A 1 58 PHE 58 55 55 PHE PHE A . n 
A 1 59 ASN 59 56 56 ASN ASN A . n 
A 1 60 TRP 60 57 57 TRP TRP A . n 
A 1 61 LEU 61 58 58 LEU LEU A . n 
A 1 62 MET 62 59 59 MET MET A . n 
A 1 63 ASN 63 60 60 ASN ASN A . n 
A 1 64 HIS 64 61 61 HIS HIS A . n 
A 1 65 GLY 65 62 62 GLY GLY A . n 
A 1 66 LYS 66 63 63 LYS LYS A . n 
A 1 67 PRO 67 64 64 PRO PRO A . n 
A 1 68 ALA 68 65 65 ALA ALA A . n 
A 1 69 ASP 69 66 66 ASP ASP A . n 
A 1 70 ALA 70 67 67 ALA ALA A . n 
A 1 71 GLU 71 68 68 GLU GLU A . n 
A 1 72 LEU 72 69 69 LEU LEU A . n 
A 1 73 GLU 73 70 70 GLU GLU A . n 
A 1 74 MET 74 71 71 MET MET A . n 
A 1 75 MET 75 72 72 MET MET A . n 
A 1 76 VAL 76 73 73 VAL VAL A . n 
A 1 77 ARG 77 74 74 ARG ARG A . n 
A 1 78 LEU 78 75 75 LEU LEU A . n 
A 1 79 ILE 79 76 76 ILE ILE A . n 
A 1 80 GLN 80 77 77 GLN GLN A . n 
A 1 81 THR 81 78 78 THR THR A . n 
A 1 82 ARG 82 79 79 ARG ARG A . n 
A 1 83 ASN 83 80 80 ASN ASN A . n 
A 1 84 ARG 84 81 81 ARG ARG A . n 
A 1 85 GLU 85 82 82 GLU GLU A . n 
A 1 86 ARG 86 83 83 ARG ARG A . n 
A 1 87 GLY 87 84 84 GLY GLY A . n 
A 1 88 PRO 88 85 85 PRO PRO A . n 
A 1 89 VAL 89 86 86 VAL VAL A . n 
A 1 90 ALA 90 87 87 ALA ALA A . n 
A 1 91 ILE 91 88 88 ILE ILE A . n 
# 
loop_
_pdbx_nonpoly_scheme.asym_id 
_pdbx_nonpoly_scheme.entity_id 
_pdbx_nonpoly_scheme.mon_id 
_pdbx_nonpoly_scheme.ndb_seq_num 
_pdbx_nonpoly_scheme.pdb_seq_num 
_pdbx_nonpoly_scheme.auth_seq_num 
_pdbx_nonpoly_scheme.pdb_mon_id 
_pdbx_nonpoly_scheme.auth_mon_id 
_pdbx_nonpoly_scheme.pdb_strand_id 
_pdbx_nonpoly_scheme.pdb_ins_code 
B 2 HOH 1  1001 1001 HOH HOH A . 
B 2 HOH 2  1002 1002 HOH HOH A . 
B 2 HOH 3  1003 1003 HOH HOH A . 
B 2 HOH 4  1004 1004 HOH HOH A . 
B 2 HOH 5  1005 1005 HOH HOH A . 
B 2 HOH 6  1006 1006 HOH HOH A . 
B 2 HOH 7  1007 1007 HOH HOH A . 
B 2 HOH 8  1008 1008 HOH HOH A . 
B 2 HOH 9  1009 1009 HOH HOH A . 
B 2 HOH 10 1010 1010 HOH HOH A . 
B 2 HOH 11 1011 1011 HOH HOH A . 
B 2 HOH 12 1012 1012 HOH HOH A . 
B 2 HOH 13 1013 1013 HOH HOH A . 
B 2 HOH 14 1014 1014 HOH HOH A . 
B 2 HOH 15 1015 1015 HOH HOH A . 
B 2 HOH 16 1016 1016 HOH HOH A . 
B 2 HOH 17 1017 1017 HOH HOH A . 
B 2 HOH 18 1018 1018 HOH HOH A . 
B 2 HOH 19 1019 1019 HOH HOH A . 
B 2 HOH 20 1020 1020 HOH HOH A . 
B 2 HOH 21 1021 1021 HOH HOH A . 
B 2 HOH 22 1022 1022 HOH HOH A . 
B 2 HOH 23 1023 1023 HOH HOH A . 
B 2 HOH 24 1024 1024 HOH HOH A . 
B 2 HOH 25 1025 1025 HOH HOH A . 
B 2 HOH 26 1026 1026 HOH HOH A . 
B 2 HOH 27 1027 1027 HOH HOH A . 
B 2 HOH 28 1028 1028 HOH HOH A . 
B 2 HOH 29 1029 1029 HOH HOH A . 
B 2 HOH 30 1030 1030 HOH HOH A . 
B 2 HOH 31 1031 1031 HOH HOH A . 
B 2 HOH 32 1032 1032 HOH HOH A . 
B 2 HOH 33 1033 1033 HOH HOH A . 
B 2 HOH 34 1034 1034 HOH HOH A . 
B 2 HOH 35 1035 1035 HOH HOH A . 
B 2 HOH 36 1036 1036 HOH HOH A . 
B 2 HOH 37 1037 1037 HOH HOH A . 
# 
loop_
_software.name 
_software.classification 
_software.version 
_software.citation_id 
_software.pdbx_ordinal 
MAR345    'data collection' . ? 1 
SCALEPACK 'data scaling'    . ? 2 
BEAST     'model building'  . ? 3 
X-PLOR    'model building'  . ? 4 
CNS       refinement        . ? 5 
BEAST     phasing           . ? 6 
X-PLOR    phasing           . ? 7 
# 
_cell.entry_id           1X6J 
_cell.length_a           40.4 
_cell.length_b           42.7 
_cell.length_c           84.9 
_cell.angle_alpha        90 
_cell.angle_beta         90 
_cell.angle_gamma        90 
_cell.pdbx_unique_axis   ? 
_cell.Z_PDB              8 
_cell.length_a_esd       ? 
_cell.length_b_esd       ? 
_cell.length_c_esd       ? 
_cell.angle_alpha_esd    ? 
_cell.angle_beta_esd     ? 
_cell.angle_gamma_esd    ? 
# 
_symmetry.entry_id                         1X6J 
_symmetry.space_group_name_H-M             'I 2 2 2' 
_symmetry.pdbx_full_space_group_name_H-M   ? 
_symmetry.Int_Tables_number                23 
_symmetry.cell_setting                     ? 
_symmetry.space_group_name_Hall            ? 
# 
_exptl.entry_id          1X6J 
_exptl.method            'X-RAY DIFFRACTION' 
_exptl.crystals_number   1 
# 
_exptl_crystal.id                    1 
_exptl_crystal.density_meas          ? 
_exptl_crystal.density_Matthews      1.75 
_exptl_crystal.density_percent_sol   33.5 
_exptl_crystal.description           ? 
_exptl_crystal.F_000                 ? 
_exptl_crystal.preparation           ? 
# 
_exptl_crystal_grow.crystal_id      1 
_exptl_crystal_grow.method          'VAPOR DIFFUSION, HANGING DROP' 
_exptl_crystal_grow.temp            298 
_exptl_crystal_grow.temp_details    ? 
_exptl_crystal_grow.pH              8.0 
_exptl_crystal_grow.pdbx_details    
'1.1 M sodium Malonate, 0.1 M Tris HCl, pH 8.0, VAPOR DIFFUSION, HANGING DROP, temperature 298K' 
_exptl_crystal_grow.pdbx_pH_range   . 
# 
_diffrn.id                     1 
_diffrn.ambient_temp           100 
_diffrn.ambient_temp_details   ? 
_diffrn.crystal_id             1 
# 
_diffrn_detector.diffrn_id              1 
_diffrn_detector.detector               'IMAGE PLATE' 
_diffrn_detector.type                   MARRESEARCH 
_diffrn_detector.pdbx_collection_date   2003-09-01 
_diffrn_detector.details                ? 
# 
_diffrn_radiation.diffrn_id                        1 
_diffrn_radiation.wavelength_id                    1 
_diffrn_radiation.pdbx_monochromatic_or_laue_m_l   M 
_diffrn_radiation.monochromator                    graphite 
_diffrn_radiation.pdbx_diffrn_protocol             'SINGLE WAVELENGTH' 
_diffrn_radiation.pdbx_scattering_type             x-ray 
# 
_diffrn_radiation_wavelength.id           1 
_diffrn_radiation_wavelength.wavelength   1.54179 
_diffrn_radiation_wavelength.wt           1.0 
# 
_diffrn_source.diffrn_id                   1 
_diffrn_source.source                      'ROTATING ANODE' 
_diffrn_source.type                        SIEMENS 
_diffrn_source.pdbx_synchrotron_site       ? 
_diffrn_source.pdbx_synchrotron_beamline   ? 
_diffrn_source.pdbx_wavelength             ? 
_diffrn_source.pdbx_wavelength_list        1.54179 
# 
_reflns.entry_id                     1X6J 
_reflns.observed_criterion_sigma_F   ? 
_reflns.observed_criterion_sigma_I   0 
_reflns.d_resolution_high            2.0 
_reflns.d_resolution_low             50 
_reflns.number_all                   ? 
_reflns.number_obs                   5225 
_reflns.percent_possible_obs         97.1 
_reflns.pdbx_Rmerge_I_obs            0.059 
_reflns.pdbx_Rsym_value              ? 
_reflns.pdbx_netI_over_sigmaI        7.8 
_reflns.B_iso_Wilson_estimate        ? 
_reflns.pdbx_redundancy              ? 
_reflns.R_free_details               ? 
_reflns.limit_h_max                  ? 
_reflns.limit_h_min                  ? 
_reflns.limit_k_max                  ? 
_reflns.limit_k_min                  ? 
_reflns.limit_l_max                  ? 
_reflns.limit_l_min                  ? 
_reflns.observed_criterion_F_max     ? 
_reflns.observed_criterion_F_min     ? 
_reflns.pdbx_chi_squared             ? 
_reflns.pdbx_scaling_rejects         ? 
_reflns.pdbx_diffrn_id               1 
_reflns.pdbx_ordinal                 1 
# 
_reflns_shell.d_res_high             2.0 
_reflns_shell.d_res_low              2.07 
_reflns_shell.percent_possible_all   95.5 
_reflns_shell.Rmerge_I_obs           0.328 
_reflns_shell.pdbx_Rsym_value        ? 
_reflns_shell.meanI_over_sigI_obs    2.0 
_reflns_shell.pdbx_redundancy        ? 
_reflns_shell.percent_possible_obs   ? 
_reflns_shell.number_unique_all      ? 
_reflns_shell.number_measured_all    ? 
_reflns_shell.number_measured_obs    ? 
_reflns_shell.number_unique_obs      ? 
_reflns_shell.pdbx_chi_squared       ? 
_reflns_shell.pdbx_diffrn_id         ? 
_reflns_shell.pdbx_ordinal           1 
# 
_refine.entry_id                                 1X6J 
_refine.ls_d_res_high                            2.0 
_refine.ls_d_res_low                             8.0 
_refine.pdbx_ls_sigma_F                          0 
_refine.pdbx_ls_sigma_I                          ? 
_refine.ls_number_reflns_all                     ? 
_refine.ls_number_reflns_obs                     4592 
_refine.ls_number_reflns_R_free                  526 
_refine.ls_percent_reflns_obs                    ? 
_refine.ls_R_factor_all                          ? 
_refine.ls_R_factor_obs                          ? 
_refine.ls_R_factor_R_work                       0.188 
_refine.ls_R_factor_R_free                       0.242 
_refine.ls_redundancy_reflns_obs                 ? 
_refine.pdbx_data_cutoff_high_absF               ? 
_refine.pdbx_data_cutoff_low_absF                ? 
_refine.ls_number_parameters                     ? 
_refine.ls_number_restraints                     ? 
_refine.ls_percent_reflns_R_free                 ? 
_refine.ls_R_factor_R_free_error                 ? 
_refine.ls_R_factor_R_free_error_details         ? 
_refine.pdbx_method_to_determine_struct          'MOLECULAR REPLACEMENT' 
_refine.pdbx_starting_model                      ? 
_refine.pdbx_ls_cross_valid_method               THROUGHOUT 
_refine.pdbx_R_Free_selection_details            random 
_refine.pdbx_stereochem_target_val_spec_case     ? 
_refine.pdbx_stereochemistry_target_values       'Engh & Huber' 
_refine.solvent_model_details                    ? 
_refine.solvent_model_param_bsol                 ? 
_refine.solvent_model_param_ksol                 ? 
_refine.occupancy_max                            ? 
_refine.occupancy_min                            ? 
_refine.pdbx_isotropic_thermal_model             isotropic 
_refine.B_iso_mean                               28 
_refine.aniso_B[1][1]                            ? 
_refine.aniso_B[1][2]                            ? 
_refine.aniso_B[1][3]                            ? 
_refine.aniso_B[2][2]                            ? 
_refine.aniso_B[2][3]                            ? 
_refine.aniso_B[3][3]                            ? 
_refine.details                                  ? 
_refine.B_iso_min                                ? 
_refine.B_iso_max                                ? 
_refine.correlation_coeff_Fo_to_Fc               ? 
_refine.correlation_coeff_Fo_to_Fc_free          ? 
_refine.pdbx_solvent_vdw_probe_radii             ? 
_refine.pdbx_solvent_ion_probe_radii             ? 
_refine.pdbx_solvent_shrinkage_radii             ? 
_refine.overall_SU_R_Cruickshank_DPI             ? 
_refine.overall_SU_R_free                        ? 
_refine.overall_SU_B                             ? 
_refine.overall_SU_ML                            ? 
_refine.pdbx_overall_ESU_R                       ? 
_refine.pdbx_overall_ESU_R_Free                  ? 
_refine.pdbx_data_cutoff_high_rms_absF           ? 
_refine.ls_wR_factor_R_free                      ? 
_refine.ls_wR_factor_R_work                      ? 
_refine.overall_FOM_free_R_set                   ? 
_refine.overall_FOM_work_R_set                   ? 
_refine.pdbx_refine_id                           'X-RAY DIFFRACTION' 
_refine.pdbx_diffrn_id                           1 
_refine.pdbx_TLS_residual_ADP_flag               ? 
_refine.pdbx_overall_phase_error                 ? 
_refine.pdbx_overall_SU_R_free_Cruickshank_DPI   ? 
_refine.pdbx_overall_SU_R_Blow_DPI               ? 
_refine.pdbx_overall_SU_R_free_Blow_DPI          ? 
# 
_refine_hist.pdbx_refine_id                   'X-RAY DIFFRACTION' 
_refine_hist.cycle_id                         LAST 
_refine_hist.pdbx_number_atoms_protein        737 
_refine_hist.pdbx_number_atoms_nucleic_acid   0 
_refine_hist.pdbx_number_atoms_ligand         0 
_refine_hist.number_atoms_solvent             37 
_refine_hist.number_atoms_total               774 
_refine_hist.d_res_high                       2.0 
_refine_hist.d_res_low                        8.0 
# 
loop_
_refine_ls_restr.type 
_refine_ls_restr.dev_ideal 
_refine_ls_restr.dev_ideal_target 
_refine_ls_restr.weight 
_refine_ls_restr.number 
_refine_ls_restr.pdbx_refine_id 
_refine_ls_restr.pdbx_restraint_function 
r_bond_refined_d    0.018 ? ? ? 'X-RAY DIFFRACTION' ? 
r_angle_refined_deg 1.6   ? ? ? 'X-RAY DIFFRACTION' ? 
# 
_refine_ls_shell.pdbx_total_number_of_bins_used   ? 
_refine_ls_shell.d_res_high                       2.0 
_refine_ls_shell.d_res_low                        2.07 
_refine_ls_shell.number_reflns_R_work             ? 
_refine_ls_shell.R_factor_R_work                  0.185 
_refine_ls_shell.percent_reflns_obs               ? 
_refine_ls_shell.R_factor_R_free                  0.297 
_refine_ls_shell.R_factor_R_free_error            ? 
_refine_ls_shell.percent_reflns_R_free            ? 
_refine_ls_shell.number_reflns_R_free             ? 
_refine_ls_shell.number_reflns_obs                ? 
_refine_ls_shell.redundancy_reflns_obs            ? 
_refine_ls_shell.number_reflns_all                ? 
_refine_ls_shell.R_factor_all                     ? 
_refine_ls_shell.pdbx_refine_id                   'X-RAY DIFFRACTION' 
# 
_struct.entry_id                  1X6J 
_struct.title                     'Crystal structure of ygfY from Escherichia coli' 
_struct.pdbx_model_details        ? 
_struct.pdbx_CASP_flag            ? 
_struct.pdbx_model_type_details   ? 
# 
_struct_keywords.entry_id        1X6J 
_struct_keywords.pdbx_keywords   'STRUCTURAL GENOMICS, UNKNOWN FUNCTION' 
_struct_keywords.text            
'structural genomics, ygfY, hypothetical protein, transcriptional regulation, Structure 2 Function Project, S2F, UNKNOWN FUNCTION' 
# 
loop_
_struct_asym.id 
_struct_asym.pdbx_blank_PDB_chainid_flag 
_struct_asym.pdbx_modified 
_struct_asym.entity_id 
_struct_asym.details 
A N N 1 ? 
B N N 2 ? 
# 
_struct_ref.id                         1 
_struct_ref.db_name                    UNP 
_struct_ref.db_code                    YGFY_ECOLI 
_struct_ref.pdbx_db_accession          P64559 
_struct_ref.entity_id                  1 
_struct_ref.pdbx_seq_one_letter_code   
;MDINNKARIHWACRRGMRELDISIMPFFEHEYDSLSDDEKRIFIRLLECDDPDLFNWLMNHGKPADAELEMMVRLIQTRN
RERGPVAI
;
_struct_ref.pdbx_align_begin           1 
_struct_ref.pdbx_db_isoform            ? 
# 
_struct_ref_seq.align_id                      1 
_struct_ref_seq.ref_id                        1 
_struct_ref_seq.pdbx_PDB_id_code              1X6J 
_struct_ref_seq.pdbx_strand_id                A 
_struct_ref_seq.seq_align_beg                 4 
_struct_ref_seq.pdbx_seq_align_beg_ins_code   ? 
_struct_ref_seq.seq_align_end                 91 
_struct_ref_seq.pdbx_seq_align_end_ins_code   ? 
_struct_ref_seq.pdbx_db_accession             P64559 
_struct_ref_seq.db_align_beg                  1 
_struct_ref_seq.pdbx_db_align_beg_ins_code    ? 
_struct_ref_seq.db_align_end                  88 
_struct_ref_seq.pdbx_db_align_end_ins_code    ? 
_struct_ref_seq.pdbx_auth_seq_align_beg       1 
_struct_ref_seq.pdbx_auth_seq_align_end       88 
# 
loop_
_struct_ref_seq_dif.align_id 
_struct_ref_seq_dif.pdbx_pdb_id_code 
_struct_ref_seq_dif.mon_id 
_struct_ref_seq_dif.pdbx_pdb_strand_id 
_struct_ref_seq_dif.seq_num 
_struct_ref_seq_dif.pdbx_pdb_ins_code 
_struct_ref_seq_dif.pdbx_seq_db_name 
_struct_ref_seq_dif.pdbx_seq_db_accession_code 
_struct_ref_seq_dif.db_mon_id 
_struct_ref_seq_dif.pdbx_seq_db_seq_num 
_struct_ref_seq_dif.details 
_struct_ref_seq_dif.pdbx_auth_seq_num 
_struct_ref_seq_dif.pdbx_ordinal 
1 1X6J GLY A 1 ? UNP P64559 ? ? 'cloning artifact' -2 1 
1 1X6J SER A 2 ? UNP P64559 ? ? 'cloning artifact' -1 2 
1 1X6J HIS A 3 ? UNP P64559 ? ? 'cloning artifact' 0  3 
# 
_pdbx_struct_assembly.id                   1 
_pdbx_struct_assembly.details              author_defined_assembly 
_pdbx_struct_assembly.method_details       ? 
_pdbx_struct_assembly.oligomeric_details   monomeric 
_pdbx_struct_assembly.oligomeric_count     1 
# 
_pdbx_struct_assembly_gen.assembly_id       1 
_pdbx_struct_assembly_gen.oper_expression   1 
_pdbx_struct_assembly_gen.asym_id_list      A,B 
# 
_pdbx_struct_oper_list.id                   1 
_pdbx_struct_oper_list.type                 'identity operation' 
_pdbx_struct_oper_list.name                 1_555 
_pdbx_struct_oper_list.symmetry_operation   x,y,z 
_pdbx_struct_oper_list.matrix[1][1]         1.0000000000 
_pdbx_struct_oper_list.matrix[1][2]         0.0000000000 
_pdbx_struct_oper_list.matrix[1][3]         0.0000000000 
_pdbx_struct_oper_list.vector[1]            0.0000000000 
_pdbx_struct_oper_list.matrix[2][1]         0.0000000000 
_pdbx_struct_oper_list.matrix[2][2]         1.0000000000 
_pdbx_struct_oper_list.matrix[2][3]         0.0000000000 
_pdbx_struct_oper_list.vector[2]            0.0000000000 
_pdbx_struct_oper_list.matrix[3][1]         0.0000000000 
_pdbx_struct_oper_list.matrix[3][2]         0.0000000000 
_pdbx_struct_oper_list.matrix[3][3]         1.0000000000 
_pdbx_struct_oper_list.vector[3]            0.0000000000 
# 
_struct_biol.id                    1 
_struct_biol.details               'monomer in solution' 
_struct_biol.pdbx_parent_biol_id   ? 
# 
loop_
_struct_conf.conf_type_id 
_struct_conf.id 
_struct_conf.pdbx_PDB_helix_id 
_struct_conf.beg_label_comp_id 
_struct_conf.beg_label_asym_id 
_struct_conf.beg_label_seq_id 
_struct_conf.pdbx_beg_PDB_ins_code 
_struct_conf.end_label_comp_id 
_struct_conf.end_label_asym_id 
_struct_conf.end_label_seq_id 
_struct_conf.pdbx_end_PDB_ins_code 
_struct_conf.beg_auth_comp_id 
_struct_conf.beg_auth_asym_id 
_struct_conf.beg_auth_seq_id 
_struct_conf.end_auth_comp_id 
_struct_conf.end_auth_asym_id 
_struct_conf.end_auth_seq_id 
_struct_conf.pdbx_PDB_helix_class 
_struct_conf.details 
_struct_conf.pdbx_PDB_helix_length 
HELX_P HELX_P1 1 ASN A 8  ? CYS A 16 ? ASN A 5  CYS A 13 1 ? 9  
HELX_P HELX_P2 2 MET A 20 ? TYR A 35 ? MET A 17 TYR A 32 1 ? 16 
HELX_P HELX_P3 3 ASP A 36 ? LEU A 38 ? ASP A 33 LEU A 35 5 ? 3  
HELX_P HELX_P4 4 SER A 39 ? GLU A 51 ? SER A 36 GLU A 48 1 ? 13 
HELX_P HELX_P5 5 ASP A 53 ? MET A 62 ? ASP A 50 MET A 59 1 ? 10 
HELX_P HELX_P6 6 ASP A 69 ? GLY A 87 ? ASP A 66 GLY A 84 1 ? 19 
# 
_struct_conf_type.id          HELX_P 
_struct_conf_type.criteria    ? 
_struct_conf_type.reference   ? 
# 
_pdbx_validate_rmsd_angle.id                         1 
_pdbx_validate_rmsd_angle.PDB_model_num              1 
_pdbx_validate_rmsd_angle.auth_atom_id_1             CB 
_pdbx_validate_rmsd_angle.auth_asym_id_1             A 
_pdbx_validate_rmsd_angle.auth_comp_id_1             ASP 
_pdbx_validate_rmsd_angle.auth_seq_id_1              38 
_pdbx_validate_rmsd_angle.PDB_ins_code_1             ? 
_pdbx_validate_rmsd_angle.label_alt_id_1             ? 
_pdbx_validate_rmsd_angle.auth_atom_id_2             CG 
_pdbx_validate_rmsd_angle.auth_asym_id_2             A 
_pdbx_validate_rmsd_angle.auth_comp_id_2             ASP 
_pdbx_validate_rmsd_angle.auth_seq_id_2              38 
_pdbx_validate_rmsd_angle.PDB_ins_code_2             ? 
_pdbx_validate_rmsd_angle.label_alt_id_2             ? 
_pdbx_validate_rmsd_angle.auth_atom_id_3             OD2 
_pdbx_validate_rmsd_angle.auth_asym_id_3             A 
_pdbx_validate_rmsd_angle.auth_comp_id_3             ASP 
_pdbx_validate_rmsd_angle.auth_seq_id_3              38 
_pdbx_validate_rmsd_angle.PDB_ins_code_3             ? 
_pdbx_validate_rmsd_angle.label_alt_id_3             ? 
_pdbx_validate_rmsd_angle.angle_value                124.84 
_pdbx_validate_rmsd_angle.angle_target_value         118.30 
_pdbx_validate_rmsd_angle.angle_deviation            6.54 
_pdbx_validate_rmsd_angle.angle_standard_deviation   0.90 
_pdbx_validate_rmsd_angle.linker_flag                N 
# 
_pdbx_SG_project.id                    1 
_pdbx_SG_project.project_name          ? 
_pdbx_SG_project.full_name_of_center   'Structure 2 Function Project' 
_pdbx_SG_project.initial_of_center     S2F 
# 
loop_
_pdbx_unobs_or_zero_occ_residues.id 
_pdbx_unobs_or_zero_occ_residues.PDB_model_num 
_pdbx_unobs_or_zero_occ_residues.polymer_flag 
_pdbx_unobs_or_zero_occ_residues.occupancy_flag 
_pdbx_unobs_or_zero_occ_residues.auth_asym_id 
_pdbx_unobs_or_zero_occ_residues.auth_comp_id 
_pdbx_unobs_or_zero_occ_residues.auth_seq_id 
_pdbx_unobs_or_zero_occ_residues.PDB_ins_code 
_pdbx_unobs_or_zero_occ_residues.label_asym_id 
_pdbx_unobs_or_zero_occ_residues.label_comp_id 
_pdbx_unobs_or_zero_occ_residues.label_seq_id 
1 1 Y 1 A GLY -2 ? A GLY 1 
2 1 Y 1 A SER -1 ? A SER 2 
3 1 Y 1 A HIS 0  ? A HIS 3 
# 
loop_
_chem_comp_atom.comp_id 
_chem_comp_atom.atom_id 
_chem_comp_atom.type_symbol 
_chem_comp_atom.pdbx_aromatic_flag 
_chem_comp_atom.pdbx_stereo_config 
_chem_comp_atom.pdbx_ordinal 
ALA N    N N N 1   
ALA CA   C N S 2   
ALA C    C N N 3   
ALA O    O N N 4   
ALA CB   C N N 5   
ALA OXT  O N N 6   
ALA H    H N N 7   
ALA H2   H N N 8   
ALA HA   H N N 9   
ALA HB1  H N N 10  
ALA HB2  H N N 11  
ALA HB3  H N N 12  
ALA HXT  H N N 13  
ARG N    N N N 14  
ARG CA   C N S 15  
ARG C    C N N 16  
ARG O    O N N 17  
ARG CB   C N N 18  
ARG CG   C N N 19  
ARG CD   C N N 20  
ARG NE   N N N 21  
ARG CZ   C N N 22  
ARG NH1  N N N 23  
ARG NH2  N N N 24  
ARG OXT  O N N 25  
ARG H    H N N 26  
ARG H2   H N N 27  
ARG HA   H N N 28  
ARG HB2  H N N 29  
ARG HB3  H N N 30  
ARG HG2  H N N 31  
ARG HG3  H N N 32  
ARG HD2  H N N 33  
ARG HD3  H N N 34  
ARG HE   H N N 35  
ARG HH11 H N N 36  
ARG HH12 H N N 37  
ARG HH21 H N N 38  
ARG HH22 H N N 39  
ARG HXT  H N N 40  
ASN N    N N N 41  
ASN CA   C N S 42  
ASN C    C N N 43  
ASN O    O N N 44  
ASN CB   C N N 45  
ASN CG   C N N 46  
ASN OD1  O N N 47  
ASN ND2  N N N 48  
ASN OXT  O N N 49  
ASN H    H N N 50  
ASN H2   H N N 51  
ASN HA   H N N 52  
ASN HB2  H N N 53  
ASN HB3  H N N 54  
ASN HD21 H N N 55  
ASN HD22 H N N 56  
ASN HXT  H N N 57  
ASP N    N N N 58  
ASP CA   C N S 59  
ASP C    C N N 60  
ASP O    O N N 61  
ASP CB   C N N 62  
ASP CG   C N N 63  
ASP OD1  O N N 64  
ASP OD2  O N N 65  
ASP OXT  O N N 66  
ASP H    H N N 67  
ASP H2   H N N 68  
ASP HA   H N N 69  
ASP HB2  H N N 70  
ASP HB3  H N N 71  
ASP HD2  H N N 72  
ASP HXT  H N N 73  
CYS N    N N N 74  
CYS CA   C N R 75  
CYS C    C N N 76  
CYS O    O N N 77  
CYS CB   C N N 78  
CYS SG   S N N 79  
CYS OXT  O N N 80  
CYS H    H N N 81  
CYS H2   H N N 82  
CYS HA   H N N 83  
CYS HB2  H N N 84  
CYS HB3  H N N 85  
CYS HG   H N N 86  
CYS HXT  H N N 87  
GLN N    N N N 88  
GLN CA   C N S 89  
GLN C    C N N 90  
GLN O    O N N 91  
GLN CB   C N N 92  
GLN CG   C N N 93  
GLN CD   C N N 94  
GLN OE1  O N N 95  
GLN NE2  N N N 96  
GLN OXT  O N N 97  
GLN H    H N N 98  
GLN H2   H N N 99  
GLN HA   H N N 100 
GLN HB2  H N N 101 
GLN HB3  H N N 102 
GLN HG2  H N N 103 
GLN HG3  H N N 104 
GLN HE21 H N N 105 
GLN HE22 H N N 106 
GLN HXT  H N N 107 
GLU N    N N N 108 
GLU CA   C N S 109 
GLU C    C N N 110 
GLU O    O N N 111 
GLU CB   C N N 112 
GLU CG   C N N 113 
GLU CD   C N N 114 
GLU OE1  O N N 115 
GLU OE2  O N N 116 
GLU OXT  O N N 117 
GLU H    H N N 118 
GLU H2   H N N 119 
GLU HA   H N N 120 
GLU HB2  H N N 121 
GLU HB3  H N N 122 
GLU HG2  H N N 123 
GLU HG3  H N N 124 
GLU HE2  H N N 125 
GLU HXT  H N N 126 
GLY N    N N N 127 
GLY CA   C N N 128 
GLY C    C N N 129 
GLY O    O N N 130 
GLY OXT  O N N 131 
GLY H    H N N 132 
GLY H2   H N N 133 
GLY HA2  H N N 134 
GLY HA3  H N N 135 
GLY HXT  H N N 136 
HIS N    N N N 137 
HIS CA   C N S 138 
HIS C    C N N 139 
HIS O    O N N 140 
HIS CB   C N N 141 
HIS CG   C Y N 142 
HIS ND1  N Y N 143 
HIS CD2  C Y N 144 
HIS CE1  C Y N 145 
HIS NE2  N Y N 146 
HIS OXT  O N N 147 
HIS H    H N N 148 
HIS H2   H N N 149 
HIS HA   H N N 150 
HIS HB2  H N N 151 
HIS HB3  H N N 152 
HIS HD1  H N N 153 
HIS HD2  H N N 154 
HIS HE1  H N N 155 
HIS HE2  H N N 156 
HIS HXT  H N N 157 
HOH O    O N N 158 
HOH H1   H N N 159 
HOH H2   H N N 160 
ILE N    N N N 161 
ILE CA   C N S 162 
ILE C    C N N 163 
ILE O    O N N 164 
ILE CB   C N S 165 
ILE CG1  C N N 166 
ILE CG2  C N N 167 
ILE CD1  C N N 168 
ILE OXT  O N N 169 
ILE H    H N N 170 
ILE H2   H N N 171 
ILE HA   H N N 172 
ILE HB   H N N 173 
ILE HG12 H N N 174 
ILE HG13 H N N 175 
ILE HG21 H N N 176 
ILE HG22 H N N 177 
ILE HG23 H N N 178 
ILE HD11 H N N 179 
ILE HD12 H N N 180 
ILE HD13 H N N 181 
ILE HXT  H N N 182 
LEU N    N N N 183 
LEU CA   C N S 184 
LEU C    C N N 185 
LEU O    O N N 186 
LEU CB   C N N 187 
LEU CG   C N N 188 
LEU CD1  C N N 189 
LEU CD2  C N N 190 
LEU OXT  O N N 191 
LEU H    H N N 192 
LEU H2   H N N 193 
LEU HA   H N N 194 
LEU HB2  H N N 195 
LEU HB3  H N N 196 
LEU HG   H N N 197 
LEU HD11 H N N 198 
LEU HD12 H N N 199 
LEU HD13 H N N 200 
LEU HD21 H N N 201 
LEU HD22 H N N 202 
LEU HD23 H N N 203 
LEU HXT  H N N 204 
LYS N    N N N 205 
LYS CA   C N S 206 
LYS C    C N N 207 
LYS O    O N N 208 
LYS CB   C N N 209 
LYS CG   C N N 210 
LYS CD   C N N 211 
LYS CE   C N N 212 
LYS NZ   N N N 213 
LYS OXT  O N N 214 
LYS H    H N N 215 
LYS H2   H N N 216 
LYS HA   H N N 217 
LYS HB2  H N N 218 
LYS HB3  H N N 219 
LYS HG2  H N N 220 
LYS HG3  H N N 221 
LYS HD2  H N N 222 
LYS HD3  H N N 223 
LYS HE2  H N N 224 
LYS HE3  H N N 225 
LYS HZ1  H N N 226 
LYS HZ2  H N N 227 
LYS HZ3  H N N 228 
LYS HXT  H N N 229 
MET N    N N N 230 
MET CA   C N S 231 
MET C    C N N 232 
MET O    O N N 233 
MET CB   C N N 234 
MET CG   C N N 235 
MET SD   S N N 236 
MET CE   C N N 237 
MET OXT  O N N 238 
MET H    H N N 239 
MET H2   H N N 240 
MET HA   H N N 241 
MET HB2  H N N 242 
MET HB3  H N N 243 
MET HG2  H N N 244 
MET HG3  H N N 245 
MET HE1  H N N 246 
MET HE2  H N N 247 
MET HE3  H N N 248 
MET HXT  H N N 249 
PHE N    N N N 250 
PHE CA   C N S 251 
PHE C    C N N 252 
PHE O    O N N 253 
PHE CB   C N N 254 
PHE CG   C Y N 255 
PHE CD1  C Y N 256 
PHE CD2  C Y N 257 
PHE CE1  C Y N 258 
PHE CE2  C Y N 259 
PHE CZ   C Y N 260 
PHE OXT  O N N 261 
PHE H    H N N 262 
PHE H2   H N N 263 
PHE HA   H N N 264 
PHE HB2  H N N 265 
PHE HB3  H N N 266 
PHE HD1  H N N 267 
PHE HD2  H N N 268 
PHE HE1  H N N 269 
PHE HE2  H N N 270 
PHE HZ   H N N 271 
PHE HXT  H N N 272 
PRO N    N N N 273 
PRO CA   C N S 274 
PRO C    C N N 275 
PRO O    O N N 276 
PRO CB   C N N 277 
PRO CG   C N N 278 
PRO CD   C N N 279 
PRO OXT  O N N 280 
PRO H    H N N 281 
PRO HA   H N N 282 
PRO HB2  H N N 283 
PRO HB3  H N N 284 
PRO HG2  H N N 285 
PRO HG3  H N N 286 
PRO HD2  H N N 287 
PRO HD3  H N N 288 
PRO HXT  H N N 289 
SER N    N N N 290 
SER CA   C N S 291 
SER C    C N N 292 
SER O    O N N 293 
SER CB   C N N 294 
SER OG   O N N 295 
SER OXT  O N N 296 
SER H    H N N 297 
SER H2   H N N 298 
SER HA   H N N 299 
SER HB2  H N N 300 
SER HB3  H N N 301 
SER HG   H N N 302 
SER HXT  H N N 303 
THR N    N N N 304 
THR CA   C N S 305 
THR C    C N N 306 
THR O    O N N 307 
THR CB   C N R 308 
THR OG1  O N N 309 
THR CG2  C N N 310 
THR OXT  O N N 311 
THR H    H N N 312 
THR H2   H N N 313 
THR HA   H N N 314 
THR HB   H N N 315 
THR HG1  H N N 316 
THR HG21 H N N 317 
THR HG22 H N N 318 
THR HG23 H N N 319 
THR HXT  H N N 320 
TRP N    N N N 321 
TRP CA   C N S 322 
TRP C    C N N 323 
TRP O    O N N 324 
TRP CB   C N N 325 
TRP CG   C Y N 326 
TRP CD1  C Y N 327 
TRP CD2  C Y N 328 
TRP NE1  N Y N 329 
TRP CE2  C Y N 330 
TRP CE3  C Y N 331 
TRP CZ2  C Y N 332 
TRP CZ3  C Y N 333 
TRP CH2  C Y N 334 
TRP OXT  O N N 335 
TRP H    H N N 336 
TRP H2   H N N 337 
TRP HA   H N N 338 
TRP HB2  H N N 339 
TRP HB3  H N N 340 
TRP HD1  H N N 341 
TRP HE1  H N N 342 
TRP HE3  H N N 343 
TRP HZ2  H N N 344 
TRP HZ3  H N N 345 
TRP HH2  H N N 346 
TRP HXT  H N N 347 
TYR N    N N N 348 
TYR CA   C N S 349 
TYR C    C N N 350 
TYR O    O N N 351 
TYR CB   C N N 352 
TYR CG   C Y N 353 
TYR CD1  C Y N 354 
TYR CD2  C Y N 355 
TYR CE1  C Y N 356 
TYR CE2  C Y N 357 
TYR CZ   C Y N 358 
TYR OH   O N N 359 
TYR OXT  O N N 360 
TYR H    H N N 361 
TYR H2   H N N 362 
TYR HA   H N N 363 
TYR HB2  H N N 364 
TYR HB3  H N N 365 
TYR HD1  H N N 366 
TYR HD2  H N N 367 
TYR HE1  H N N 368 
TYR HE2  H N N 369 
TYR HH   H N N 370 
TYR HXT  H N N 371 
VAL N    N N N 372 
VAL CA   C N S 373 
VAL C    C N N 374 
VAL O    O N N 375 
VAL CB   C N N 376 
VAL CG1  C N N 377 
VAL CG2  C N N 378 
VAL OXT  O N N 379 
VAL H    H N N 380 
VAL H2   H N N 381 
VAL HA   H N N 382 
VAL HB   H N N 383 
VAL HG11 H N N 384 
VAL HG12 H N N 385 
VAL HG13 H N N 386 
VAL HG21 H N N 387 
VAL HG22 H N N 388 
VAL HG23 H N N 389 
VAL HXT  H N N 390 
# 
loop_
_chem_comp_bond.comp_id 
_chem_comp_bond.atom_id_1 
_chem_comp_bond.atom_id_2 
_chem_comp_bond.value_order 
_chem_comp_bond.pdbx_aromatic_flag 
_chem_comp_bond.pdbx_stereo_config 
_chem_comp_bond.pdbx_ordinal 
ALA N   CA   sing N N 1   
ALA N   H    sing N N 2   
ALA N   H2   sing N N 3   
ALA CA  C    sing N N 4   
ALA CA  CB   sing N N 5   
ALA CA  HA   sing N N 6   
ALA C   O    doub N N 7   
ALA C   OXT  sing N N 8   
ALA CB  HB1  sing N N 9   
ALA CB  HB2  sing N N 10  
ALA CB  HB3  sing N N 11  
ALA OXT HXT  sing N N 12  
ARG N   CA   sing N N 13  
ARG N   H    sing N N 14  
ARG N   H2   sing N N 15  
ARG CA  C    sing N N 16  
ARG CA  CB   sing N N 17  
ARG CA  HA   sing N N 18  
ARG C   O    doub N N 19  
ARG C   OXT  sing N N 20  
ARG CB  CG   sing N N 21  
ARG CB  HB2  sing N N 22  
ARG CB  HB3  sing N N 23  
ARG CG  CD   sing N N 24  
ARG CG  HG2  sing N N 25  
ARG CG  HG3  sing N N 26  
ARG CD  NE   sing N N 27  
ARG CD  HD2  sing N N 28  
ARG CD  HD3  sing N N 29  
ARG NE  CZ   sing N N 30  
ARG NE  HE   sing N N 31  
ARG CZ  NH1  sing N N 32  
ARG CZ  NH2  doub N N 33  
ARG NH1 HH11 sing N N 34  
ARG NH1 HH12 sing N N 35  
ARG NH2 HH21 sing N N 36  
ARG NH2 HH22 sing N N 37  
ARG OXT HXT  sing N N 38  
ASN N   CA   sing N N 39  
ASN N   H    sing N N 40  
ASN N   H2   sing N N 41  
ASN CA  C    sing N N 42  
ASN CA  CB   sing N N 43  
ASN CA  HA   sing N N 44  
ASN C   O    doub N N 45  
ASN C   OXT  sing N N 46  
ASN CB  CG   sing N N 47  
ASN CB  HB2  sing N N 48  
ASN CB  HB3  sing N N 49  
ASN CG  OD1  doub N N 50  
ASN CG  ND2  sing N N 51  
ASN ND2 HD21 sing N N 52  
ASN ND2 HD22 sing N N 53  
ASN OXT HXT  sing N N 54  
ASP N   CA   sing N N 55  
ASP N   H    sing N N 56  
ASP N   H2   sing N N 57  
ASP CA  C    sing N N 58  
ASP CA  CB   sing N N 59  
ASP CA  HA   sing N N 60  
ASP C   O    doub N N 61  
ASP C   OXT  sing N N 62  
ASP CB  CG   sing N N 63  
ASP CB  HB2  sing N N 64  
ASP CB  HB3  sing N N 65  
ASP CG  OD1  doub N N 66  
ASP CG  OD2  sing N N 67  
ASP OD2 HD2  sing N N 68  
ASP OXT HXT  sing N N 69  
CYS N   CA   sing N N 70  
CYS N   H    sing N N 71  
CYS N   H2   sing N N 72  
CYS CA  C    sing N N 73  
CYS CA  CB   sing N N 74  
CYS CA  HA   sing N N 75  
CYS C   O    doub N N 76  
CYS C   OXT  sing N N 77  
CYS CB  SG   sing N N 78  
CYS CB  HB2  sing N N 79  
CYS CB  HB3  sing N N 80  
CYS SG  HG   sing N N 81  
CYS OXT HXT  sing N N 82  
GLN N   CA   sing N N 83  
GLN N   H    sing N N 84  
GLN N   H2   sing N N 85  
GLN CA  C    sing N N 86  
GLN CA  CB   sing N N 87  
GLN CA  HA   sing N N 88  
GLN C   O    doub N N 89  
GLN C   OXT  sing N N 90  
GLN CB  CG   sing N N 91  
GLN CB  HB2  sing N N 92  
GLN CB  HB3  sing N N 93  
GLN CG  CD   sing N N 94  
GLN CG  HG2  sing N N 95  
GLN CG  HG3  sing N N 96  
GLN CD  OE1  doub N N 97  
GLN CD  NE2  sing N N 98  
GLN NE2 HE21 sing N N 99  
GLN NE2 HE22 sing N N 100 
GLN OXT HXT  sing N N 101 
GLU N   CA   sing N N 102 
GLU N   H    sing N N 103 
GLU N   H2   sing N N 104 
GLU CA  C    sing N N 105 
GLU CA  CB   sing N N 106 
GLU CA  HA   sing N N 107 
GLU C   O    doub N N 108 
GLU C   OXT  sing N N 109 
GLU CB  CG   sing N N 110 
GLU CB  HB2  sing N N 111 
GLU CB  HB3  sing N N 112 
GLU CG  CD   sing N N 113 
GLU CG  HG2  sing N N 114 
GLU CG  HG3  sing N N 115 
GLU CD  OE1  doub N N 116 
GLU CD  OE2  sing N N 117 
GLU OE2 HE2  sing N N 118 
GLU OXT HXT  sing N N 119 
GLY N   CA   sing N N 120 
GLY N   H    sing N N 121 
GLY N   H2   sing N N 122 
GLY CA  C    sing N N 123 
GLY CA  HA2  sing N N 124 
GLY CA  HA3  sing N N 125 
GLY C   O    doub N N 126 
GLY C   OXT  sing N N 127 
GLY OXT HXT  sing N N 128 
HIS N   CA   sing N N 129 
HIS N   H    sing N N 130 
HIS N   H2   sing N N 131 
HIS CA  C    sing N N 132 
HIS CA  CB   sing N N 133 
HIS CA  HA   sing N N 134 
HIS C   O    doub N N 135 
HIS C   OXT  sing N N 136 
HIS CB  CG   sing N N 137 
HIS CB  HB2  sing N N 138 
HIS CB  HB3  sing N N 139 
HIS CG  ND1  sing Y N 140 
HIS CG  CD2  doub Y N 141 
HIS ND1 CE1  doub Y N 142 
HIS ND1 HD1  sing N N 143 
HIS CD2 NE2  sing Y N 144 
HIS CD2 HD2  sing N N 145 
HIS CE1 NE2  sing Y N 146 
HIS CE1 HE1  sing N N 147 
HIS NE2 HE2  sing N N 148 
HIS OXT HXT  sing N N 149 
HOH O   H1   sing N N 150 
HOH O   H2   sing N N 151 
ILE N   CA   sing N N 152 
ILE N   H    sing N N 153 
ILE N   H2   sing N N 154 
ILE CA  C    sing N N 155 
ILE CA  CB   sing N N 156 
ILE CA  HA   sing N N 157 
ILE C   O    doub N N 158 
ILE C   OXT  sing N N 159 
ILE CB  CG1  sing N N 160 
ILE CB  CG2  sing N N 161 
ILE CB  HB   sing N N 162 
ILE CG1 CD1  sing N N 163 
ILE CG1 HG12 sing N N 164 
ILE CG1 HG13 sing N N 165 
ILE CG2 HG21 sing N N 166 
ILE CG2 HG22 sing N N 167 
ILE CG2 HG23 sing N N 168 
ILE CD1 HD11 sing N N 169 
ILE CD1 HD12 sing N N 170 
ILE CD1 HD13 sing N N 171 
ILE OXT HXT  sing N N 172 
LEU N   CA   sing N N 173 
LEU N   H    sing N N 174 
LEU N   H2   sing N N 175 
LEU CA  C    sing N N 176 
LEU CA  CB   sing N N 177 
LEU CA  HA   sing N N 178 
LEU C   O    doub N N 179 
LEU C   OXT  sing N N 180 
LEU CB  CG   sing N N 181 
LEU CB  HB2  sing N N 182 
LEU CB  HB3  sing N N 183 
LEU CG  CD1  sing N N 184 
LEU CG  CD2  sing N N 185 
LEU CG  HG   sing N N 186 
LEU CD1 HD11 sing N N 187 
LEU CD1 HD12 sing N N 188 
LEU CD1 HD13 sing N N 189 
LEU CD2 HD21 sing N N 190 
LEU CD2 HD22 sing N N 191 
LEU CD2 HD23 sing N N 192 
LEU OXT HXT  sing N N 193 
LYS N   CA   sing N N 194 
LYS N   H    sing N N 195 
LYS N   H2   sing N N 196 
LYS CA  C    sing N N 197 
LYS CA  CB   sing N N 198 
LYS CA  HA   sing N N 199 
LYS C   O    doub N N 200 
LYS C   OXT  sing N N 201 
LYS CB  CG   sing N N 202 
LYS CB  HB2  sing N N 203 
LYS CB  HB3  sing N N 204 
LYS CG  CD   sing N N 205 
LYS CG  HG2  sing N N 206 
LYS CG  HG3  sing N N 207 
LYS CD  CE   sing N N 208 
LYS CD  HD2  sing N N 209 
LYS CD  HD3  sing N N 210 
LYS CE  NZ   sing N N 211 
LYS CE  HE2  sing N N 212 
LYS CE  HE3  sing N N 213 
LYS NZ  HZ1  sing N N 214 
LYS NZ  HZ2  sing N N 215 
LYS NZ  HZ3  sing N N 216 
LYS OXT HXT  sing N N 217 
MET N   CA   sing N N 218 
MET N   H    sing N N 219 
MET N   H2   sing N N 220 
MET CA  C    sing N N 221 
MET CA  CB   sing N N 222 
MET CA  HA   sing N N 223 
MET C   O    doub N N 224 
MET C   OXT  sing N N 225 
MET CB  CG   sing N N 226 
MET CB  HB2  sing N N 227 
MET CB  HB3  sing N N 228 
MET CG  SD   sing N N 229 
MET CG  HG2  sing N N 230 
MET CG  HG3  sing N N 231 
MET SD  CE   sing N N 232 
MET CE  HE1  sing N N 233 
MET CE  HE2  sing N N 234 
MET CE  HE3  sing N N 235 
MET OXT HXT  sing N N 236 
PHE N   CA   sing N N 237 
PHE N   H    sing N N 238 
PHE N   H2   sing N N 239 
PHE CA  C    sing N N 240 
PHE CA  CB   sing N N 241 
PHE CA  HA   sing N N 242 
PHE C   O    doub N N 243 
PHE C   OXT  sing N N 244 
PHE CB  CG   sing N N 245 
PHE CB  HB2  sing N N 246 
PHE CB  HB3  sing N N 247 
PHE CG  CD1  doub Y N 248 
PHE CG  CD2  sing Y N 249 
PHE CD1 CE1  sing Y N 250 
PHE CD1 HD1  sing N N 251 
PHE CD2 CE2  doub Y N 252 
PHE CD2 HD2  sing N N 253 
PHE CE1 CZ   doub Y N 254 
PHE CE1 HE1  sing N N 255 
PHE CE2 CZ   sing Y N 256 
PHE CE2 HE2  sing N N 257 
PHE CZ  HZ   sing N N 258 
PHE OXT HXT  sing N N 259 
PRO N   CA   sing N N 260 
PRO N   CD   sing N N 261 
PRO N   H    sing N N 262 
PRO CA  C    sing N N 263 
PRO CA  CB   sing N N 264 
PRO CA  HA   sing N N 265 
PRO C   O    doub N N 266 
PRO C   OXT  sing N N 267 
PRO CB  CG   sing N N 268 
PRO CB  HB2  sing N N 269 
PRO CB  HB3  sing N N 270 
PRO CG  CD   sing N N 271 
PRO CG  HG2  sing N N 272 
PRO CG  HG3  sing N N 273 
PRO CD  HD2  sing N N 274 
PRO CD  HD3  sing N N 275 
PRO OXT HXT  sing N N 276 
SER N   CA   sing N N 277 
SER N   H    sing N N 278 
SER N   H2   sing N N 279 
SER CA  C    sing N N 280 
SER CA  CB   sing N N 281 
SER CA  HA   sing N N 282 
SER C   O    doub N N 283 
SER C   OXT  sing N N 284 
SER CB  OG   sing N N 285 
SER CB  HB2  sing N N 286 
SER CB  HB3  sing N N 287 
SER OG  HG   sing N N 288 
SER OXT HXT  sing N N 289 
THR N   CA   sing N N 290 
THR N   H    sing N N 291 
THR N   H2   sing N N 292 
THR CA  C    sing N N 293 
THR CA  CB   sing N N 294 
THR CA  HA   sing N N 295 
THR C   O    doub N N 296 
THR C   OXT  sing N N 297 
THR CB  OG1  sing N N 298 
THR CB  CG2  sing N N 299 
THR CB  HB   sing N N 300 
THR OG1 HG1  sing N N 301 
THR CG2 HG21 sing N N 302 
THR CG2 HG22 sing N N 303 
THR CG2 HG23 sing N N 304 
THR OXT HXT  sing N N 305 
TRP N   CA   sing N N 306 
TRP N   H    sing N N 307 
TRP N   H2   sing N N 308 
TRP CA  C    sing N N 309 
TRP CA  CB   sing N N 310 
TRP CA  HA   sing N N 311 
TRP C   O    doub N N 312 
TRP C   OXT  sing N N 313 
TRP CB  CG   sing N N 314 
TRP CB  HB2  sing N N 315 
TRP CB  HB3  sing N N 316 
TRP CG  CD1  doub Y N 317 
TRP CG  CD2  sing Y N 318 
TRP CD1 NE1  sing Y N 319 
TRP CD1 HD1  sing N N 320 
TRP CD2 CE2  doub Y N 321 
TRP CD2 CE3  sing Y N 322 
TRP NE1 CE2  sing Y N 323 
TRP NE1 HE1  sing N N 324 
TRP CE2 CZ2  sing Y N 325 
TRP CE3 CZ3  doub Y N 326 
TRP CE3 HE3  sing N N 327 
TRP CZ2 CH2  doub Y N 328 
TRP CZ2 HZ2  sing N N 329 
TRP CZ3 CH2  sing Y N 330 
TRP CZ3 HZ3  sing N N 331 
TRP CH2 HH2  sing N N 332 
TRP OXT HXT  sing N N 333 
TYR N   CA   sing N N 334 
TYR N   H    sing N N 335 
TYR N   H2   sing N N 336 
TYR CA  C    sing N N 337 
TYR CA  CB   sing N N 338 
TYR CA  HA   sing N N 339 
TYR C   O    doub N N 340 
TYR C   OXT  sing N N 341 
TYR CB  CG   sing N N 342 
TYR CB  HB2  sing N N 343 
TYR CB  HB3  sing N N 344 
TYR CG  CD1  doub Y N 345 
TYR CG  CD2  sing Y N 346 
TYR CD1 CE1  sing Y N 347 
TYR CD1 HD1  sing N N 348 
TYR CD2 CE2  doub Y N 349 
TYR CD2 HD2  sing N N 350 
TYR CE1 CZ   doub Y N 351 
TYR CE1 HE1  sing N N 352 
TYR CE2 CZ   sing Y N 353 
TYR CE2 HE2  sing N N 354 
TYR CZ  OH   sing N N 355 
TYR OH  HH   sing N N 356 
TYR OXT HXT  sing N N 357 
VAL N   CA   sing N N 358 
VAL N   H    sing N N 359 
VAL N   H2   sing N N 360 
VAL CA  C    sing N N 361 
VAL CA  CB   sing N N 362 
VAL CA  HA   sing N N 363 
VAL C   O    doub N N 364 
VAL C   OXT  sing N N 365 
VAL CB  CG1  sing N N 366 
VAL CB  CG2  sing N N 367 
VAL CB  HB   sing N N 368 
VAL CG1 HG11 sing N N 369 
VAL CG1 HG12 sing N N 370 
VAL CG1 HG13 sing N N 371 
VAL CG2 HG21 sing N N 372 
VAL CG2 HG22 sing N N 373 
VAL CG2 HG23 sing N N 374 
VAL OXT HXT  sing N N 375 
# 
_atom_sites.entry_id                    1X6J 
_atom_sites.fract_transf_matrix[1][1]   -0.00785782 
_atom_sites.fract_transf_matrix[1][2]   0.01658878 
_atom_sites.fract_transf_matrix[1][3]   0.01660507 
_atom_sites.fract_transf_matrix[2][1]   -0.01661084 
_atom_sites.fract_transf_matrix[2][2]   0.00706614 
_atom_sites.fract_transf_matrix[2][3]   -0.01491976 
_atom_sites.fract_transf_matrix[3][1]   -0.00741354 
_atom_sites.fract_transf_matrix[3][2]   -0.00798711 
_atom_sites.fract_transf_matrix[3][3]   0.00447106 
_atom_sites.fract_transf_vector[1]      0.794399 
_atom_sites.fract_transf_vector[2]      0.813019 
_atom_sites.fract_transf_vector[3]      1.128833 
# 
loop_
_atom_type.symbol 
C 
N 
O 
S 
# 
loop_
_atom_site.group_PDB 
_atom_site.id 
_atom_site.type_symbol 
_atom_site.label_atom_id 
_atom_site.label_alt_id 
_atom_site.label_comp_id 
_atom_site.label_asym_id 
_atom_site.label_entity_id 
_atom_site.label_seq_id 
_atom_site.pdbx_PDB_ins_code 
_atom_site.Cartn_x 
_atom_site.Cartn_y 
_atom_site.Cartn_z 
_atom_site.occupancy 
_atom_site.B_iso_or_equiv 
_atom_site.pdbx_formal_charge 
_atom_site.auth_seq_id 
_atom_site.auth_comp_id 
_atom_site.auth_asym_id 
_atom_site.auth_atom_id 
_atom_site.pdbx_PDB_model_num 
ATOM   1   N N   . MET A 1 4  ? 11.676  -9.478  5.773   1.00 47.30 ? 1    MET A N   1 
ATOM   2   C CA  . MET A 1 4  ? 11.054  -9.513  4.383   1.00 46.40 ? 1    MET A CA  1 
ATOM   3   C C   . MET A 1 4  ? 11.722  -8.495  3.454   1.00 44.56 ? 1    MET A C   1 
ATOM   4   O O   . MET A 1 4  ? 11.738  -7.290  3.755   1.00 45.33 ? 1    MET A O   1 
ATOM   5   C CB  . MET A 1 4  ? 9.527   -9.287  4.450   1.00 46.55 ? 1    MET A CB  1 
ATOM   6   C CG  . MET A 1 4  ? 8.740   -9.920  3.310   1.00 48.73 ? 1    MET A CG  1 
ATOM   7   S SD  . MET A 1 4  ? 6.940   -9.536  3.292   1.00 56.08 ? 1    MET A SD  1 
ATOM   8   C CE  . MET A 1 4  ? 6.282   -11.099 3.638   1.00 51.64 ? 1    MET A CE  1 
ATOM   9   N N   . ASP A 1 5  ? 12.323  -8.941  2.355   1.00 42.12 ? 2    ASP A N   1 
ATOM   10  C CA  . ASP A 1 5  ? 12.895  -7.901  1.471   1.00 39.07 ? 2    ASP A CA  1 
ATOM   11  C C   . ASP A 1 5  ? 12.338  -7.849  0.053   1.00 35.84 ? 2    ASP A C   1 
ATOM   12  O O   . ASP A 1 5  ? 11.456  -8.633  -0.309  1.00 34.55 ? 2    ASP A O   1 
ATOM   13  C CB  . ASP A 1 5  ? 14.415  -7.829  1.500   1.00 39.27 ? 2    ASP A CB  1 
ATOM   14  C CG  . ASP A 1 5  ? 14.939  -6.366  1.677   1.00 39.63 ? 2    ASP A CG  1 
ATOM   15  O OD1 . ASP A 1 5  ? 15.568  -5.831  0.720   1.00 35.65 ? 2    ASP A OD1 1 
ATOM   16  O OD2 . ASP A 1 5  ? 14.787  -5.693  2.742   1.00 40.70 ? 2    ASP A OD2 1 
ATOM   17  N N   . ILE A 1 6  ? 12.907  -6.932  -0.723  1.00 32.46 ? 3    ILE A N   1 
ATOM   18  C CA  . ILE A 1 6  ? 12.199  -6.311  -1.816  1.00 30.38 ? 3    ILE A CA  1 
ATOM   19  C C   . ILE A 1 6  ? 12.039  -7.197  -3.063  1.00 29.18 ? 3    ILE A C   1 
ATOM   20  O O   . ILE A 1 6  ? 11.180  -6.915  -3.875  1.00 27.00 ? 3    ILE A O   1 
ATOM   21  C CB  . ILE A 1 6  ? 12.795  -4.874  -2.159  1.00 30.25 ? 3    ILE A CB  1 
ATOM   22  C CG1 . ILE A 1 6  ? 14.276  -4.963  -2.560  1.00 31.36 ? 3    ILE A CG1 1 
ATOM   23  C CG2 . ILE A 1 6  ? 12.635  -3.935  -0.979  1.00 28.59 ? 3    ILE A CG2 1 
ATOM   24  C CD1 . ILE A 1 6  ? 14.868  -3.668  -3.075  1.00 29.78 ? 3    ILE A CD1 1 
ATOM   25  N N   . ASN A 1 7  ? 12.856  -8.251  -3.192  1.00 27.93 ? 4    ASN A N   1 
ATOM   26  C CA  . ASN A 1 7  ? 12.853  -9.090  -4.387  1.00 28.78 ? 4    ASN A CA  1 
ATOM   27  C C   . ASN A 1 7  ? 12.186  -10.440 -4.235  1.00 28.68 ? 4    ASN A C   1 
ATOM   28  O O   . ASN A 1 7  ? 12.312  -11.280 -5.119  1.00 30.16 ? 4    ASN A O   1 
ATOM   29  C CB  . ASN A 1 7  ? 14.263  -9.296  -4.942  1.00 28.87 ? 4    ASN A CB  1 
ATOM   30  C CG  . ASN A 1 7  ? 14.753  -8.104  -5.757  1.00 31.90 ? 4    ASN A CG  1 
ATOM   31  O OD1 . ASN A 1 7  ? 14.096  -7.688  -6.741  1.00 33.17 ? 4    ASN A OD1 1 
ATOM   32  N ND2 . ASN A 1 7  ? 15.904  -7.533  -5.355  1.00 31.40 ? 4    ASN A ND2 1 
ATOM   33  N N   . ASN A 1 8  ? 11.523  -10.692 -3.114  1.00 28.29 ? 5    ASN A N   1 
ATOM   34  C CA  . ASN A 1 8  ? 10.707  -11.900 -3.068  1.00 28.18 ? 5    ASN A CA  1 
ATOM   35  C C   . ASN A 1 8  ? 9.303   -11.416 -3.169  1.00 28.36 ? 5    ASN A C   1 
ATOM   36  O O   . ASN A 1 8  ? 8.622   -11.195 -2.142  1.00 28.26 ? 5    ASN A O   1 
ATOM   37  C CB  . ASN A 1 8  ? 10.930  -12.794 -1.833  1.00 28.55 ? 5    ASN A CB  1 
ATOM   38  C CG  . ASN A 1 8  ? 10.249  -14.216 -1.975  1.00 28.84 ? 5    ASN A CG  1 
ATOM   39  O OD1 . ASN A 1 8  ? 9.262   -14.416 -2.727  1.00 24.93 ? 5    ASN A OD1 1 
ATOM   40  N ND2 . ASN A 1 8  ? 10.816  -15.196 -1.273  1.00 27.54 ? 5    ASN A ND2 1 
ATOM   41  N N   . LYS A 1 9  ? 8.899   -11.227 -4.424  1.00 26.91 ? 6    LYS A N   1 
ATOM   42  C CA  . LYS A 1 9  ? 7.602   -10.703 -4.755  1.00 27.98 ? 6    LYS A CA  1 
ATOM   43  C C   . LYS A 1 9  ? 6.430   -11.560 -4.284  1.00 27.53 ? 6    LYS A C   1 
ATOM   44  O O   . LYS A 1 9  ? 5.398   -11.019 -3.893  1.00 27.22 ? 6    LYS A O   1 
ATOM   45  C CB  . LYS A 1 9  ? 7.504   -10.432 -6.242  1.00 27.79 ? 6    LYS A CB  1 
ATOM   46  C CG  . LYS A 1 9  ? 8.067   -9.050  -6.578  1.00 31.52 ? 6    LYS A CG  1 
ATOM   47  C CD  . LYS A 1 9  ? 7.832   -8.695  -8.031  1.00 34.99 ? 6    LYS A CD  1 
ATOM   48  C CE  . LYS A 1 9  ? 6.442   -8.084  -8.150  1.00 36.55 ? 6    LYS A CE  1 
ATOM   49  N NZ  . LYS A 1 9  ? 5.936   -8.007  -9.542  1.00 38.49 ? 6    LYS A NZ  1 
ATOM   50  N N   . ALA A 1 10 ? 6.600   -12.881 -4.323  1.00 27.68 ? 7    ALA A N   1 
ATOM   51  C CA  . ALA A 1 10 ? 5.557   -13.800 -3.892  1.00 27.03 ? 7    ALA A CA  1 
ATOM   52  C C   . ALA A 1 10 ? 5.272   -13.673 -2.406  1.00 26.95 ? 7    ALA A C   1 
ATOM   53  O O   . ALA A 1 10 ? 4.092   -13.705 -1.978  1.00 25.82 ? 7    ALA A O   1 
ATOM   54  C CB  . ALA A 1 10 ? 5.882   -15.246 -4.282  1.00 27.54 ? 7    ALA A CB  1 
ATOM   55  N N   . ARG A 1 11 ? 6.330   -13.510 -1.612  1.00 25.79 ? 8    ARG A N   1 
ATOM   56  C CA  . ARG A 1 11 ? 6.170   -13.305 -0.168  1.00 25.81 ? 8    ARG A CA  1 
ATOM   57  C C   . ARG A 1 11 ? 5.500   -11.956 0.148   1.00 24.78 ? 8    ARG A C   1 
ATOM   58  O O   . ARG A 1 11 ? 4.626   -11.858 1.003   1.00 23.60 ? 8    ARG A O   1 
ATOM   59  C CB  . ARG A 1 11 ? 7.535   -13.385 0.539   1.00 26.69 ? 8    ARG A CB  1 
ATOM   60  C CG  . ARG A 1 11 ? 7.437   -13.594 2.009   1.00 31.35 ? 8    ARG A CG  1 
ATOM   61  C CD  . ARG A 1 11 ? 7.613   -15.038 2.421   1.00 40.47 ? 8    ARG A CD  1 
ATOM   62  N NE  . ARG A 1 11 ? 8.255   -15.174 3.740   1.00 45.49 ? 8    ARG A NE  1 
ATOM   63  C CZ  . ARG A 1 11 ? 9.376   -14.555 4.126   1.00 48.40 ? 8    ARG A CZ  1 
ATOM   64  N NH1 . ARG A 1 11 ? 10.013  -13.741 3.292   1.00 52.41 ? 8    ARG A NH1 1 
ATOM   65  N NH2 . ARG A 1 11 ? 9.877   -14.762 5.345   1.00 48.56 ? 8    ARG A NH2 1 
ATOM   66  N N   . ILE A 1 12 ? 5.909   -10.909 -0.547  1.00 23.82 ? 9    ILE A N   1 
ATOM   67  C CA  . ILE A 1 12 ? 5.257   -9.611  -0.375  1.00 22.76 ? 9    ILE A CA  1 
ATOM   68  C C   . ILE A 1 12 ? 3.788   -9.680  -0.825  1.00 22.29 ? 9    ILE A C   1 
ATOM   69  O O   . ILE A 1 12 ? 2.916   -9.126  -0.184  1.00 22.41 ? 9    ILE A O   1 
ATOM   70  C CB  . ILE A 1 12 ? 6.060   -8.498  -1.142  1.00 22.20 ? 9    ILE A CB  1 
ATOM   71  C CG1 . ILE A 1 12 ? 7.533   -8.534  -0.728  1.00 24.33 ? 9    ILE A CG1 1 
ATOM   72  C CG2 . ILE A 1 12 ? 5.439   -7.083  -0.902  1.00 22.21 ? 9    ILE A CG2 1 
ATOM   73  C CD1 . ILE A 1 12 ? 8.459   -7.823  -1.757  1.00 25.97 ? 9    ILE A CD1 1 
ATOM   74  N N   . HIS A 1 13 ? 3.530   -10.337 -1.947  1.00 22.26 ? 10   HIS A N   1 
ATOM   75  C CA  . HIS A 1 13 ? 2.168   -10.576 -2.421  1.00 23.14 ? 10   HIS A CA  1 
ATOM   76  C C   . HIS A 1 13 ? 1.239   -11.159 -1.343  1.00 22.62 ? 10   HIS A C   1 
ATOM   77  O O   . HIS A 1 13 ? 0.120   -10.681 -1.101  1.00 22.45 ? 10   HIS A O   1 
ATOM   78  C CB  . HIS A 1 13 ? 2.206   -11.537 -3.606  1.00 23.51 ? 10   HIS A CB  1 
ATOM   79  C CG  . HIS A 1 13 ? 0.941   -11.530 -4.392  1.00 27.50 ? 10   HIS A CG  1 
ATOM   80  N ND1 . HIS A 1 13 ? 0.458   -12.631 -5.056  1.00 29.72 ? 10   HIS A ND1 1 
ATOM   81  C CD2 . HIS A 1 13 ? 0.048   -10.537 -4.603  1.00 27.05 ? 10   HIS A CD2 1 
ATOM   82  C CE1 . HIS A 1 13 ? -0.667  -12.312 -5.667  1.00 30.86 ? 10   HIS A CE1 1 
ATOM   83  N NE2 . HIS A 1 13 ? -0.941  -11.049 -5.400  1.00 30.19 ? 10   HIS A NE2 1 
ATOM   84  N N   . TRP A 1 14 ? 1.750   -12.174 -0.680  1.00 22.06 ? 11   TRP A N   1 
ATOM   85  C CA  . TRP A 1 14 ? 1.073   -12.811 0.424   1.00 22.98 ? 11   TRP A CA  1 
ATOM   86  C C   . TRP A 1 14 ? 0.761   -11.826 1.573   1.00 23.23 ? 11   TRP A C   1 
ATOM   87  O O   . TRP A 1 14 ? -0.386  -11.769 2.072   1.00 22.92 ? 11   TRP A O   1 
ATOM   88  C CB  . TRP A 1 14 ? 1.947   -13.958 0.882   1.00 24.12 ? 11   TRP A CB  1 
ATOM   89  C CG  . TRP A 1 14 ? 1.621   -14.382 2.233   1.00 27.49 ? 11   TRP A CG  1 
ATOM   90  C CD1 . TRP A 1 14 ? 0.425   -14.864 2.664   1.00 27.20 ? 11   TRP A CD1 1 
ATOM   91  C CD2 . TRP A 1 14 ? 2.482   -14.360 3.351   1.00 29.69 ? 11   TRP A CD2 1 
ATOM   92  N NE1 . TRP A 1 14 ? 0.491   -15.132 4.005   1.00 28.16 ? 11   TRP A NE1 1 
ATOM   93  C CE2 . TRP A 1 14 ? 1.755   -14.849 4.448   1.00 31.50 ? 11   TRP A CE2 1 
ATOM   94  C CE3 . TRP A 1 14 ? 3.829   -13.994 3.543   1.00 33.15 ? 11   TRP A CE3 1 
ATOM   95  C CZ2 . TRP A 1 14 ? 2.318   -14.980 5.732   1.00 33.35 ? 11   TRP A CZ2 1 
ATOM   96  C CZ3 . TRP A 1 14 ? 4.394   -14.134 4.813   1.00 34.13 ? 11   TRP A CZ3 1 
ATOM   97  C CH2 . TRP A 1 14 ? 3.631   -14.616 5.893   1.00 34.71 ? 11   TRP A CH2 1 
ATOM   98  N N   . ALA A 1 15 ? 1.773   -11.039 1.950   1.00 22.37 ? 12   ALA A N   1 
ATOM   99  C CA  . ALA A 1 15 ? 1.654   -9.986  2.952   1.00 22.90 ? 12   ALA A CA  1 
ATOM   100 C C   . ALA A 1 15 ? 0.604   -8.906  2.624   1.00 21.75 ? 12   ALA A C   1 
ATOM   101 O O   . ALA A 1 15 ? 0.124   -8.225  3.524   1.00 21.56 ? 12   ALA A O   1 
ATOM   102 C CB  . ALA A 1 15 ? 3.044   -9.342  3.202   1.00 22.54 ? 12   ALA A CB  1 
ATOM   103 N N   . CYS A 1 16 ? 0.245   -8.781  1.345   1.00 21.48 ? 13   CYS A N   1 
ATOM   104 C CA  . CYS A 1 16 ? -0.796  -7.865  0.850   1.00 22.34 ? 13   CYS A CA  1 
ATOM   105 C C   . CYS A 1 16 ? -2.227  -8.344  1.015   1.00 23.20 ? 13   CYS A C   1 
ATOM   106 O O   . CYS A 1 16 ? -3.172  -7.539  0.926   1.00 24.07 ? 13   CYS A O   1 
ATOM   107 C CB  . CYS A 1 16 ? -0.584  -7.559  -0.641  1.00 22.31 ? 13   CYS A CB  1 
ATOM   108 S SG  . CYS A 1 16 ? 0.897   -6.569  -0.919  1.00 21.83 ? 13   CYS A SG  1 
ATOM   109 N N   . ARG A 1 17 ? -2.400  -9.640  1.269   1.00 24.25 ? 14   ARG A N   1 
ATOM   110 C CA  . ARG A 1 17 ? -3.707  -10.187 1.640   1.00 24.29 ? 14   ARG A CA  1 
ATOM   111 C C   . ARG A 1 17 ? -4.080  -9.832  3.075   1.00 24.91 ? 14   ARG A C   1 
ATOM   112 O O   . ARG A 1 17 ? -3.534  -10.354 4.053   1.00 24.50 ? 14   ARG A O   1 
ATOM   113 C CB  . ARG A 1 17 ? -3.745  -11.686 1.376   1.00 24.88 ? 14   ARG A CB  1 
ATOM   114 C CG  . ARG A 1 17 ? -4.959  -12.421 1.913   1.00 26.62 ? 14   ARG A CG  1 
ATOM   115 C CD  . ARG A 1 17 ? -6.270  -12.300 1.122   1.00 30.89 ? 14   ARG A CD  1 
ATOM   116 N NE  . ARG A 1 17 ? -6.216  -11.693 -0.213  1.00 37.71 ? 14   ARG A NE  1 
ATOM   117 C CZ  . ARG A 1 17 ? -6.242  -12.367 -1.367  1.00 40.20 ? 14   ARG A CZ  1 
ATOM   118 N NH1 . ARG A 1 17 ? -6.247  -13.682 -1.389  1.00 41.94 ? 14   ARG A NH1 1 
ATOM   119 N NH2 . ARG A 1 17 ? -6.232  -11.724 -2.523  1.00 43.72 ? 14   ARG A NH2 1 
ATOM   120 N N   . ARG A 1 18 ? -5.064  -8.950  3.183   1.00 25.90 ? 15   ARG A N   1 
ATOM   121 C CA  . ARG A 1 18 ? -5.469  -8.383  4.447   1.00 26.84 ? 15   ARG A CA  1 
ATOM   122 C C   . ARG A 1 18 ? -6.741  -9.041  4.996   1.00 29.33 ? 15   ARG A C   1 
ATOM   123 O O   . ARG A 1 18 ? -7.513  -9.661  4.274   1.00 29.06 ? 15   ARG A O   1 
ATOM   124 C CB  . ARG A 1 18 ? -5.672  -6.866  4.294   1.00 27.23 ? 15   ARG A CB  1 
ATOM   125 C CG  . ARG A 1 18 ? -4.441  -6.080  3.702   1.00 24.03 ? 15   ARG A CG  1 
ATOM   126 C CD  . ARG A 1 18 ? -3.112  -6.543  4.240   1.00 22.83 ? 15   ARG A CD  1 
ATOM   127 N NE  . ARG A 1 18 ? -2.867  -5.981  5.561   1.00 24.53 ? 15   ARG A NE  1 
ATOM   128 C CZ  . ARG A 1 18 ? -1.685  -5.868  6.129   1.00 24.74 ? 15   ARG A CZ  1 
ATOM   129 N NH1 . ARG A 1 18 ? -0.583  -6.304  5.493   1.00 24.65 ? 15   ARG A NH1 1 
ATOM   130 N NH2 . ARG A 1 18 ? -1.580  -5.296  7.328   1.00 25.05 ? 15   ARG A NH2 1 
ATOM   131 N N   . GLY A 1 19 ? -6.949  -8.899  6.290   1.00 30.99 ? 16   GLY A N   1 
ATOM   132 C CA  . GLY A 1 19 ? -8.181  -9.399  6.872   1.00 35.14 ? 16   GLY A CA  1 
ATOM   133 C C   . GLY A 1 19 ? -9.458  -8.676  6.448   1.00 36.76 ? 16   GLY A C   1 
ATOM   134 O O   . GLY A 1 19 ? -10.545 -9.248  6.618   1.00 37.55 ? 16   GLY A O   1 
ATOM   135 N N   . MET A 1 20 ? -9.321  -7.467  5.872   1.00 37.72 ? 17   MET A N   1 
ATOM   136 C CA  . MET A 1 20 ? -10.439 -6.551  5.544   1.00 38.12 ? 17   MET A CA  1 
ATOM   137 C C   . MET A 1 20 ? -10.632 -6.282  4.056   1.00 38.72 ? 17   MET A C   1 
ATOM   138 O O   . MET A 1 20 ? -9.655  -5.987  3.356   1.00 38.81 ? 17   MET A O   1 
ATOM   139 C CB  . MET A 1 20 ? -10.219 -5.209  6.263   1.00 38.01 ? 17   MET A CB  1 
ATOM   140 C CG  . MET A 1 20 ? -11.320 -4.135  6.026   1.00 38.56 ? 17   MET A CG  1 
ATOM   141 S SD  . MET A 1 20 ? -10.993 -2.459  6.726   1.00 44.47 ? 17   MET A SD  1 
ATOM   142 C CE  . MET A 1 20 ? -9.939  -2.794  8.071   1.00 39.71 ? 17   MET A CE  1 
ATOM   143 N N   . ARG A 1 21 ? -11.895 -6.304  3.598   1.00 39.14 ? 18   ARG A N   1 
ATOM   144 C CA  . ARG A 1 21 ? -12.281 -6.056  2.193   1.00 39.64 ? 18   ARG A CA  1 
ATOM   145 C C   . ARG A 1 21 ? -11.770 -4.758  1.569   1.00 39.13 ? 18   ARG A C   1 
ATOM   146 O O   . ARG A 1 21 ? -11.202 -4.787  0.475   1.00 39.63 ? 18   ARG A O   1 
ATOM   147 C CB  . ARG A 1 21 ? -13.809 -6.120  1.989   1.00 40.30 ? 18   ARG A CB  1 
ATOM   148 C CG  . ARG A 1 21 ? -14.280 -5.539  0.641   1.00 41.98 ? 18   ARG A CG  1 
ATOM   149 C CD  . ARG A 1 21 ? -15.742 -5.863  0.220   1.00 45.02 ? 18   ARG A CD  1 
ATOM   150 N NE  . ARG A 1 21 ? -15.894 -6.122  -1.228  1.00 45.88 ? 18   ARG A NE  1 
ATOM   151 C CZ  . ARG A 1 21 ? -16.184 -5.219  -2.193  1.00 46.68 ? 18   ARG A CZ  1 
ATOM   152 N NH1 . ARG A 1 21 ? -16.357 -3.931  -1.930  1.00 47.22 ? 18   ARG A NH1 1 
ATOM   153 N NH2 . ARG A 1 21 ? -16.296 -5.615  -3.459  1.00 47.30 ? 18   ARG A NH2 1 
ATOM   154 N N   . GLU A 1 22 ? -12.003 -3.624  2.235   1.00 37.92 ? 19   GLU A N   1 
ATOM   155 C CA  . GLU A 1 22 ? -11.571 -2.325  1.728   1.00 36.89 ? 19   GLU A CA  1 
ATOM   156 C C   . GLU A 1 22 ? -10.068 -2.218  1.567   1.00 35.33 ? 19   GLU A C   1 
ATOM   157 O O   . GLU A 1 22 ? -9.570  -1.389  0.795   1.00 34.31 ? 19   GLU A O   1 
ATOM   158 C CB  . GLU A 1 22 ? -12.029 -1.220  2.662   1.00 37.75 ? 19   GLU A CB  1 
ATOM   159 C CG  . GLU A 1 22 ? -13.517 -0.987  2.635   1.00 40.91 ? 19   GLU A CG  1 
ATOM   160 C CD  . GLU A 1 22 ? -14.245 -1.733  3.733   1.00 46.56 ? 19   GLU A CD  1 
ATOM   161 O OE1 . GLU A 1 22 ? -13.929 -2.922  3.989   1.00 47.57 ? 19   GLU A OE1 1 
ATOM   162 O OE2 . GLU A 1 22 ? -15.161 -1.127  4.319   1.00 47.34 ? 19   GLU A OE2 1 
ATOM   163 N N   . LEU A 1 23 ? -9.335  -3.024  2.328   1.00 33.28 ? 20   LEU A N   1 
ATOM   164 C CA  . LEU A 1 23 ? -7.892  -3.012  2.201   1.00 32.82 ? 20   LEU A CA  1 
ATOM   165 C C   . LEU A 1 23 ? -7.436  -3.920  1.066   1.00 33.90 ? 20   LEU A C   1 
ATOM   166 O O   . LEU A 1 23 ? -6.491  -3.615  0.334   1.00 34.31 ? 20   LEU A O   1 
ATOM   167 C CB  . LEU A 1 23 ? -7.222  -3.395  3.521   1.00 31.81 ? 20   LEU A CB  1 
ATOM   168 C CG  . LEU A 1 23 ? -7.364  -2.371  4.650   1.00 30.57 ? 20   LEU A CG  1 
ATOM   169 C CD1 . LEU A 1 23 ? -6.566  -2.879  5.800   1.00 27.27 ? 20   LEU A CD1 1 
ATOM   170 C CD2 . LEU A 1 23 ? -6.880  -0.972  4.226   1.00 25.46 ? 20   LEU A CD2 1 
ATOM   171 N N   . ASP A 1 24 ? -8.127  -5.029  0.903   1.00 34.75 ? 21   ASP A N   1 
ATOM   172 C CA  . ASP A 1 24 ? -7.776  -5.967  -0.133  1.00 36.33 ? 21   ASP A CA  1 
ATOM   173 C C   . ASP A 1 24 ? -7.817  -5.318  -1.484  1.00 35.38 ? 21   ASP A C   1 
ATOM   174 O O   . ASP A 1 24 ? -6.910  -5.499  -2.292  1.00 36.69 ? 21   ASP A O   1 
ATOM   175 C CB  . ASP A 1 24 ? -8.707  -7.165  -0.087  1.00 37.35 ? 21   ASP A CB  1 
ATOM   176 C CG  . ASP A 1 24 ? -8.058  -8.327  0.567   1.00 41.38 ? 21   ASP A CG  1 
ATOM   177 O OD1 . ASP A 1 24 ? -8.798  -9.189  1.097   1.00 45.04 ? 21   ASP A OD1 1 
ATOM   178 O OD2 . ASP A 1 24 ? -6.799  -8.443  0.592   1.00 43.40 ? 21   ASP A OD2 1 
ATOM   179 N N   . ILE A 1 25 ? -8.843  -4.511  -1.686  1.00 33.42 ? 22   ILE A N   1 
ATOM   180 C CA  . ILE A 1 25 ? -9.113  -3.833  -2.946  1.00 32.67 ? 22   ILE A CA  1 
ATOM   181 C C   . ILE A 1 25 ? -8.169  -2.653  -3.203  1.00 30.93 ? 22   ILE A C   1 
ATOM   182 O O   . ILE A 1 25 ? -8.083  -2.144  -4.324  1.00 29.89 ? 22   ILE A O   1 
ATOM   183 C CB  . ILE A 1 25 ? -10.581 -3.375  -2.929  1.00 33.44 ? 22   ILE A CB  1 
ATOM   184 C CG1 . ILE A 1 25 ? -11.472 -4.572  -3.316  1.00 36.06 ? 22   ILE A CG1 1 
ATOM   185 C CG2 . ILE A 1 25 ? -10.828 -2.168  -3.839  1.00 35.24 ? 22   ILE A CG2 1 
ATOM   186 C CD1 . ILE A 1 25 ? -12.853 -4.578  -2.663  1.00 39.39 ? 22   ILE A CD1 1 
ATOM   187 N N   . SER A 1 26 ? -7.476  -2.237  -2.148  1.00 27.53 ? 23   SER A N   1 
ATOM   188 C CA  . SER A 1 26 ? -6.544  -1.137  -2.201  1.00 27.30 ? 23   SER A CA  1 
ATOM   189 C C   . SER A 1 26 ? -5.052  -1.575  -2.316  1.00 25.76 ? 23   SER A C   1 
ATOM   190 O O   . SER A 1 26 ? -4.312  -1.146  -3.215  1.00 24.76 ? 23   SER A O   1 
ATOM   191 C CB  . SER A 1 26 ? -6.741  -0.334  -0.932  1.00 26.65 ? 23   SER A CB  1 
ATOM   192 O OG  . SER A 1 26 ? -6.315  0.963   -1.156  1.00 33.76 ? 23   SER A OG  1 
ATOM   193 N N   . ILE A 1 27 ? -4.635  -2.450  -1.417  1.00 24.13 ? 24   ILE A N   1 
ATOM   194 C CA  . ILE A 1 27 ? -3.222  -2.779  -1.262  1.00 23.65 ? 24   ILE A CA  1 
ATOM   195 C C   . ILE A 1 27 ? -2.753  -3.805  -2.278  1.00 23.16 ? 24   ILE A C   1 
ATOM   196 O O   . ILE A 1 27 ? -1.715  -3.653  -2.898  1.00 22.31 ? 24   ILE A O   1 
ATOM   197 C CB  . ILE A 1 27 ? -2.964  -3.236  0.190   1.00 22.48 ? 24   ILE A CB  1 
ATOM   198 C CG1 . ILE A 1 27 ? -3.270  -2.063  1.113   1.00 23.02 ? 24   ILE A CG1 1 
ATOM   199 C CG2 . ILE A 1 27 ? -1.512  -3.784  0.336   1.00 21.52 ? 24   ILE A CG2 1 
ATOM   200 C CD1 . ILE A 1 27 ? -2.768  -2.199  2.511   1.00 26.30 ? 24   ILE A CD1 1 
ATOM   201 N N   . MET A 1 28 ? -3.505  -4.882  -2.402  1.00 23.31 ? 25   MET A N   1 
ATOM   202 C CA  . MET A 1 28 ? -3.220  -5.914  -3.406  1.00 25.09 ? 25   MET A CA  1 
ATOM   203 C C   . MET A 1 28 ? -3.020  -5.430  -4.841  1.00 23.61 ? 25   MET A C   1 
ATOM   204 O O   . MET A 1 28 ? -1.983  -5.760  -5.475  1.00 23.52 ? 25   MET A O   1 
ATOM   205 C CB  . MET A 1 28 ? -4.327  -6.982  -3.369  1.00 25.22 ? 25   MET A CB  1 
ATOM   206 C CG  . MET A 1 28 ? -3.904  -8.076  -2.540  1.00 32.11 ? 25   MET A CG  1 
ATOM   207 S SD  . MET A 1 28 ? -3.047  -9.253  -3.640  1.00 44.23 ? 25   MET A SD  1 
ATOM   208 C CE  . MET A 1 28 ? -3.435  -10.605 -2.803  1.00 35.98 ? 25   MET A CE  1 
ATOM   209 N N   . PRO A 1 29 ? -3.999  -4.703  -5.386  1.00 23.71 ? 26   PRO A N   1 
ATOM   210 C CA  . PRO A 1 29 ? -3.900  -4.222  -6.779  1.00 23.99 ? 26   PRO A CA  1 
ATOM   211 C C   . PRO A 1 29 ? -2.780  -3.188  -6.969  1.00 22.96 ? 26   PRO A C   1 
ATOM   212 O O   . PRO A 1 29 ? -2.100  -3.234  -8.006  1.00 22.83 ? 26   PRO A O   1 
ATOM   213 C CB  . PRO A 1 29 ? -5.285  -3.615  -7.047  1.00 23.74 ? 26   PRO A CB  1 
ATOM   214 C CG  . PRO A 1 29 ? -6.162  -4.308  -6.035  1.00 25.74 ? 26   PRO A CG  1 
ATOM   215 C CD  . PRO A 1 29 ? -5.304  -4.368  -4.801  1.00 24.50 ? 26   PRO A CD  1 
ATOM   216 N N   . PHE A 1 30 ? -2.589  -2.303  -5.984  1.00 21.98 ? 27   PHE A N   1 
ATOM   217 C CA  . PHE A 1 30 ? -1.414  -1.449  -5.932  1.00 21.37 ? 27   PHE A CA  1 
ATOM   218 C C   . PHE A 1 30 ? -0.139  -2.290  -6.116  1.00 21.69 ? 27   PHE A C   1 
ATOM   219 O O   . PHE A 1 30 ? 0.710   -1.990  -6.989  1.00 22.45 ? 27   PHE A O   1 
ATOM   220 C CB  . PHE A 1 30 ? -1.317  -0.634  -4.623  1.00 21.60 ? 27   PHE A CB  1 
ATOM   221 C CG  . PHE A 1 30 ? -0.022  0.120   -4.507  1.00 19.49 ? 27   PHE A CG  1 
ATOM   222 C CD1 . PHE A 1 30 ? 0.111   1.375   -5.085  1.00 18.84 ? 27   PHE A CD1 1 
ATOM   223 C CD2 . PHE A 1 30 ? 1.095   -0.481  -3.953  1.00 19.89 ? 27   PHE A CD2 1 
ATOM   224 C CE1 . PHE A 1 30 ? 1.326   2.056   -5.012  1.00 20.43 ? 27   PHE A CE1 1 
ATOM   225 C CE2 . PHE A 1 30 ? 2.330   0.184   -3.905  1.00 18.38 ? 27   PHE A CE2 1 
ATOM   226 C CZ  . PHE A 1 30 ? 2.434   1.455   -4.406  1.00 22.43 ? 27   PHE A CZ  1 
ATOM   227 N N   . PHE A 1 31 ? 0.028   -3.321  -5.286  1.00 21.18 ? 28   PHE A N   1 
ATOM   228 C CA  . PHE A 1 31 ? 1.211   -4.164  -5.374  1.00 21.72 ? 28   PHE A CA  1 
ATOM   229 C C   . PHE A 1 31 ? 1.330   -4.803  -6.780  1.00 22.49 ? 28   PHE A C   1 
ATOM   230 O O   . PHE A 1 31 ? 2.396   -4.715  -7.436  1.00 21.08 ? 28   PHE A O   1 
ATOM   231 C CB  . PHE A 1 31 ? 1.208   -5.257  -4.283  1.00 21.34 ? 28   PHE A CB  1 
ATOM   232 C CG  . PHE A 1 31 ? 2.295   -6.269  -4.466  1.00 23.49 ? 28   PHE A CG  1 
ATOM   233 C CD1 . PHE A 1 31 ? 3.584   -6.007  -4.027  1.00 24.94 ? 28   PHE A CD1 1 
ATOM   234 C CD2 . PHE A 1 31 ? 2.047   -7.446  -5.144  1.00 26.79 ? 28   PHE A CD2 1 
ATOM   235 C CE1 . PHE A 1 31 ? 4.588   -6.925  -4.233  1.00 27.70 ? 28   PHE A CE1 1 
ATOM   236 C CE2 . PHE A 1 31 ? 3.064   -8.393  -5.348  1.00 26.52 ? 28   PHE A CE2 1 
ATOM   237 C CZ  . PHE A 1 31 ? 4.324   -8.132  -4.886  1.00 25.72 ? 28   PHE A CZ  1 
ATOM   238 N N   . GLU A 1 32 ? 0.248   -5.401  -7.246  1.00 22.65 ? 29   GLU A N   1 
ATOM   239 C CA  . GLU A 1 32 ? 0.306   -6.157  -8.501  1.00 25.57 ? 29   GLU A CA  1 
ATOM   240 C C   . GLU A 1 32 ? 0.618   -5.259  -9.706  1.00 26.10 ? 29   GLU A C   1 
ATOM   241 O O   . GLU A 1 32 ? 1.379   -5.646  -10.617 1.00 26.85 ? 29   GLU A O   1 
ATOM   242 C CB  . GLU A 1 32 ? -0.994  -6.920  -8.718  1.00 25.98 ? 29   GLU A CB  1 
ATOM   243 C CG  . GLU A 1 32 ? -1.120  -8.202  -7.899  1.00 30.28 ? 29   GLU A CG  1 
ATOM   244 C CD  . GLU A 1 32 ? -2.503  -8.786  -8.026  1.00 36.73 ? 29   GLU A CD  1 
ATOM   245 O OE1 . GLU A 1 32 ? -3.345  -8.123  -8.652  1.00 41.65 ? 29   GLU A OE1 1 
ATOM   246 O OE2 . GLU A 1 32 ? -2.767  -9.876  -7.494  1.00 39.21 ? 29   GLU A OE2 1 
ATOM   247 N N   . HIS A 1 33 ? 0.087   -4.038  -9.688  1.00 25.46 ? 30   HIS A N   1 
ATOM   248 C CA  . HIS A 1 33 ? 0.316   -3.103  -10.792 1.00 25.50 ? 30   HIS A CA  1 
ATOM   249 C C   . HIS A 1 33 ? 1.414   -2.081  -10.596 1.00 26.06 ? 30   HIS A C   1 
ATOM   250 O O   . HIS A 1 33 ? 1.922   -1.542  -11.602 1.00 25.78 ? 30   HIS A O   1 
ATOM   251 C CB  . HIS A 1 33 ? -0.974  -2.365  -11.138 1.00 25.72 ? 30   HIS A CB  1 
ATOM   252 C CG  . HIS A 1 33 ? -2.015  -3.264  -11.668 1.00 23.83 ? 30   HIS A CG  1 
ATOM   253 N ND1 . HIS A 1 33 ? -2.811  -4.028  -10.840 1.00 28.19 ? 30   HIS A ND1 1 
ATOM   254 C CD2 . HIS A 1 33 ? -2.334  -3.614  -12.937 1.00 22.98 ? 30   HIS A CD2 1 
ATOM   255 C CE1 . HIS A 1 33 ? -3.604  -4.787  -11.583 1.00 28.01 ? 30   HIS A CE1 1 
ATOM   256 N NE2 . HIS A 1 33 ? -3.337  -4.552  -12.854 1.00 25.38 ? 30   HIS A NE2 1 
ATOM   257 N N   . GLU A 1 34 ? 1.782   -1.791  -9.343  1.00 24.56 ? 31   GLU A N   1 
ATOM   258 C CA  . GLU A 1 34 ? 2.683   -0.653  -9.088  1.00 24.87 ? 31   GLU A CA  1 
ATOM   259 C C   . GLU A 1 34 ? 4.033   -0.950  -8.451  1.00 25.18 ? 31   GLU A C   1 
ATOM   260 O O   . GLU A 1 34 ? 4.968   -0.138  -8.569  1.00 25.93 ? 31   GLU A O   1 
ATOM   261 C CB  . GLU A 1 34 ? 2.010   0.454   -8.269  1.00 24.33 ? 31   GLU A CB  1 
ATOM   262 C CG  . GLU A 1 34 ? 0.626   0.888   -8.716  1.00 21.35 ? 31   GLU A CG  1 
ATOM   263 C CD  . GLU A 1 34 ? 0.572   1.537   -10.087 1.00 23.27 ? 31   GLU A CD  1 
ATOM   264 O OE1 . GLU A 1 34 ? -0.508  1.513   -10.694 1.00 24.67 ? 31   GLU A OE1 1 
ATOM   265 O OE2 . GLU A 1 34 ? 1.568   2.096   -10.559 1.00 23.57 ? 31   GLU A OE2 1 
ATOM   266 N N   . TYR A 1 35 ? 4.138   -2.089  -7.774  1.00 24.59 ? 32   TYR A N   1 
ATOM   267 C CA  . TYR A 1 35 ? 5.306   -2.373  -6.964  1.00 25.40 ? 32   TYR A CA  1 
ATOM   268 C C   . TYR A 1 35 ? 6.626   -2.269  -7.740  1.00 26.77 ? 32   TYR A C   1 
ATOM   269 O O   . TYR A 1 35 ? 7.612   -1.646  -7.271  1.00 26.53 ? 32   TYR A O   1 
ATOM   270 C CB  . TYR A 1 35 ? 5.159   -3.728  -6.295  1.00 22.05 ? 32   TYR A CB  1 
ATOM   271 C CG  . TYR A 1 35 ? 6.331   -4.095  -5.398  1.00 24.92 ? 32   TYR A CG  1 
ATOM   272 C CD1 . TYR A 1 35 ? 6.465   -3.531  -4.122  1.00 22.97 ? 32   TYR A CD1 1 
ATOM   273 C CD2 . TYR A 1 35 ? 7.324   -4.980  -5.837  1.00 23.10 ? 32   TYR A CD2 1 
ATOM   274 C CE1 . TYR A 1 35 ? 7.517   -3.869  -3.302  1.00 20.97 ? 32   TYR A CE1 1 
ATOM   275 C CE2 . TYR A 1 35 ? 8.381   -5.325  -5.004  1.00 24.00 ? 32   TYR A CE2 1 
ATOM   276 C CZ  . TYR A 1 35 ? 8.455   -4.765  -3.751  1.00 23.57 ? 32   TYR A CZ  1 
ATOM   277 O OH  . TYR A 1 35 ? 9.514   -5.067  -2.954  1.00 23.57 ? 32   TYR A OH  1 
ATOM   278 N N   . ASP A 1 36 ? 6.637   -2.858  -8.937  1.00 28.49 ? 33   ASP A N   1 
ATOM   279 C CA  . ASP A 1 36 ? 7.864   -2.872  -9.757  1.00 30.52 ? 33   ASP A CA  1 
ATOM   280 C C   . ASP A 1 36 ? 8.383   -1.482  -10.124 1.00 30.96 ? 33   ASP A C   1 
ATOM   281 O O   . ASP A 1 36 ? 9.595   -1.287  -10.340 1.00 31.24 ? 33   ASP A O   1 
ATOM   282 C CB  . ASP A 1 36 ? 7.655   -3.693  -11.020 1.00 31.03 ? 33   ASP A CB  1 
ATOM   283 C CG  . ASP A 1 36 ? 7.557   -5.163  -10.728 1.00 33.83 ? 33   ASP A CG  1 
ATOM   284 O OD1 . ASP A 1 36 ? 8.225   -5.658  -9.790  1.00 35.70 ? 33   ASP A OD1 1 
ATOM   285 O OD2 . ASP A 1 36 ? 6.830   -5.914  -11.378 1.00 37.23 ? 33   ASP A OD2 1 
ATOM   286 N N   . SER A 1 37 ? 7.457   -0.518  -10.134 1.00 31.70 ? 34   SER A N   1 
ATOM   287 C CA  . SER A 1 37 ? 7.695   0.840   -10.602 1.00 31.91 ? 34   SER A CA  1 
ATOM   288 C C   . SER A 1 37 ? 8.307   1.689   -9.498  1.00 31.60 ? 34   SER A C   1 
ATOM   289 O O   . SER A 1 37 ? 8.757   2.806   -9.740  1.00 32.44 ? 34   SER A O   1 
ATOM   290 C CB  . SER A 1 37 ? 6.369   1.461   -11.070 1.00 32.48 ? 34   SER A CB  1 
ATOM   291 O OG  . SER A 1 37 ? 5.709   2.099   -9.979  1.00 33.95 ? 34   SER A OG  1 
ATOM   292 N N   . LEU A 1 38 ? 8.300   1.156   -8.281  1.00 30.59 ? 35   LEU A N   1 
ATOM   293 C CA  . LEU A 1 38 ? 8.868   1.840   -7.125  1.00 29.56 ? 35   LEU A CA  1 
ATOM   294 C C   . LEU A 1 38 ? 10.404  1.819   -7.097  1.00 29.02 ? 35   LEU A C   1 
ATOM   295 O O   . LEU A 1 38 ? 11.031  0.849   -7.470  1.00 28.09 ? 35   LEU A O   1 
ATOM   296 C CB  . LEU A 1 38 ? 8.331   1.216   -5.818  1.00 28.94 ? 35   LEU A CB  1 
ATOM   297 C CG  . LEU A 1 38 ? 6.806   1.154   -5.688  1.00 28.59 ? 35   LEU A CG  1 
ATOM   298 C CD1 . LEU A 1 38 ? 6.383   0.697   -4.292  1.00 28.94 ? 35   LEU A CD1 1 
ATOM   299 C CD2 . LEU A 1 38 ? 6.207   2.472   -6.002  1.00 29.98 ? 35   LEU A CD2 1 
ATOM   300 N N   . SER A 1 39 ? 11.003  2.879   -6.571  1.00 29.00 ? 36   SER A N   1 
ATOM   301 C CA  . SER A 1 39 ? 12.411  2.799   -6.216  1.00 28.19 ? 36   SER A CA  1 
ATOM   302 C C   . SER A 1 39 ? 12.637  1.697   -5.188  1.00 27.76 ? 36   SER A C   1 
ATOM   303 O O   . SER A 1 39 ? 11.687  1.199   -4.547  1.00 26.95 ? 36   SER A O   1 
ATOM   304 C CB  . SER A 1 39 ? 12.876  4.123   -5.647  1.00 28.08 ? 36   SER A CB  1 
ATOM   305 O OG  . SER A 1 39 ? 12.522  4.216   -4.270  1.00 30.15 ? 36   SER A OG  1 
ATOM   306 N N   . ASP A 1 40 ? 13.888  1.322   -5.005  1.00 25.86 ? 37   ASP A N   1 
ATOM   307 C CA  . ASP A 1 40 ? 14.204  0.356   -3.971  1.00 26.89 ? 37   ASP A CA  1 
ATOM   308 C C   . ASP A 1 40 ? 13.828  0.904   -2.593  1.00 26.91 ? 37   ASP A C   1 
ATOM   309 O O   . ASP A 1 40 ? 13.437  0.158   -1.708  1.00 26.55 ? 37   ASP A O   1 
ATOM   310 C CB  . ASP A 1 40 ? 15.708  0.050   -3.950  1.00 27.38 ? 37   ASP A CB  1 
ATOM   311 C CG  . ASP A 1 40 ? 16.147  -0.814  -5.090  1.00 27.29 ? 37   ASP A CG  1 
ATOM   312 O OD1 . ASP A 1 40 ? 15.341  -1.069  -5.993  1.00 29.52 ? 37   ASP A OD1 1 
ATOM   313 O OD2 . ASP A 1 40 ? 17.278  -1.309  -5.139  1.00 29.30 ? 37   ASP A OD2 1 
ATOM   314 N N   . ASP A 1 41 ? 13.998  2.204   -2.395  1.00 26.73 ? 38   ASP A N   1 
ATOM   315 C CA  . ASP A 1 41 ? 13.709  2.754   -1.082  1.00 27.98 ? 38   ASP A CA  1 
ATOM   316 C C   . ASP A 1 41 ? 12.213  2.692   -0.791  1.00 26.63 ? 38   ASP A C   1 
ATOM   317 O O   . ASP A 1 41 ? 11.785  2.375   0.325   1.00 26.02 ? 38   ASP A O   1 
ATOM   318 C CB  . ASP A 1 41 ? 14.223  4.183   -0.980  1.00 28.93 ? 38   ASP A CB  1 
ATOM   319 C CG  . ASP A 1 41 ? 14.687  4.537   0.410   1.00 35.37 ? 38   ASP A CG  1 
ATOM   320 O OD1 . ASP A 1 41 ? 15.401  5.563   0.519   1.00 43.84 ? 38   ASP A OD1 1 
ATOM   321 O OD2 . ASP A 1 41 ? 14.436  3.861   1.449   1.00 40.32 ? 38   ASP A OD2 1 
ATOM   322 N N   . GLU A 1 42 ? 11.432  3.000   -1.816  1.00 25.86 ? 39   GLU A N   1 
ATOM   323 C CA  . GLU A 1 42 ? 9.980   2.874   -1.804  1.00 26.07 ? 39   GLU A CA  1 
ATOM   324 C C   . GLU A 1 42 ? 9.484   1.439   -1.541  1.00 25.75 ? 39   GLU A C   1 
ATOM   325 O O   . GLU A 1 42 ? 8.542   1.244   -0.789  1.00 26.54 ? 39   GLU A O   1 
ATOM   326 C CB  . GLU A 1 42 ? 9.434   3.390   -3.145  1.00 25.77 ? 39   GLU A CB  1 
ATOM   327 C CG  . GLU A 1 42 ? 9.598   4.910   -3.235  1.00 29.79 ? 39   GLU A CG  1 
ATOM   328 C CD  . GLU A 1 42 ? 9.141   5.553   -4.519  1.00 32.43 ? 39   GLU A CD  1 
ATOM   329 O OE1 . GLU A 1 42 ? 9.123   4.927   -5.596  1.00 32.45 ? 39   GLU A OE1 1 
ATOM   330 O OE2 . GLU A 1 42 ? 8.804   6.744   -4.429  1.00 37.20 ? 39   GLU A OE2 1 
ATOM   331 N N   . LYS A 1 43 ? 10.101  0.460   -2.176  1.00 24.17 ? 40   LYS A N   1 
ATOM   332 C CA  . LYS A 1 43 ? 9.810   -0.948  -1.900  1.00 23.89 ? 40   LYS A CA  1 
ATOM   333 C C   . LYS A 1 43 ? 10.016  -1.338  -0.420  1.00 23.61 ? 40   LYS A C   1 
ATOM   334 O O   . LYS A 1 43 ? 9.129   -1.947  0.202   1.00 22.30 ? 40   LYS A O   1 
ATOM   335 C CB  . LYS A 1 43 ? 10.634  -1.848  -2.811  1.00 23.98 ? 40   LYS A CB  1 
ATOM   336 C CG  . LYS A 1 43 ? 10.257  -1.723  -4.279  1.00 23.78 ? 40   LYS A CG  1 
ATOM   337 C CD  . LYS A 1 43 ? 11.171  -2.620  -5.134  1.00 25.53 ? 40   LYS A CD  1 
ATOM   338 C CE  . LYS A 1 43 ? 10.759  -2.586  -6.622  1.00 27.22 ? 40   LYS A CE  1 
ATOM   339 N NZ  . LYS A 1 43 ? 11.576  -3.529  -7.388  1.00 24.23 ? 40   LYS A NZ  1 
ATOM   340 N N   . ARG A 1 44 ? 11.170  -0.964  0.136   1.00 23.25 ? 41   ARG A N   1 
ATOM   341 C CA  . ARG A 1 44 ? 11.486  -1.238  1.538   1.00 23.64 ? 41   ARG A CA  1 
ATOM   342 C C   . ARG A 1 44 ? 10.436  -0.597  2.450   1.00 23.60 ? 41   ARG A C   1 
ATOM   343 O O   . ARG A 1 44 ? 9.966   -1.201  3.390   1.00 23.48 ? 41   ARG A O   1 
ATOM   344 C CB  . ARG A 1 44 ? 12.898  -0.742  1.907   1.00 23.33 ? 41   ARG A CB  1 
ATOM   345 C CG  . ARG A 1 44 ? 14.040  -1.671  1.414   1.00 23.67 ? 41   ARG A CG  1 
ATOM   346 C CD  . ARG A 1 44 ? 15.423  -1.236  1.867   1.00 24.37 ? 41   ARG A CD  1 
ATOM   347 N NE  . ARG A 1 44 ? 15.864  -0.014  1.175   1.00 26.20 ? 41   ARG A NE  1 
ATOM   348 C CZ  . ARG A 1 44 ? 16.580  0.006   0.039   1.00 29.87 ? 41   ARG A CZ  1 
ATOM   349 N NH1 . ARG A 1 44 ? 16.950  -1.139  -0.556  1.00 28.46 ? 41   ARG A NH1 1 
ATOM   350 N NH2 . ARG A 1 44 ? 16.932  1.177   -0.509  1.00 29.44 ? 41   ARG A NH2 1 
ATOM   351 N N   . ILE A 1 45 ? 10.080  0.638   2.171   1.00 23.27 ? 42   ILE A N   1 
ATOM   352 C CA  . ILE A 1 45 ? 9.070   1.313   2.980   1.00 23.41 ? 42   ILE A CA  1 
ATOM   353 C C   . ILE A 1 45 ? 7.687   0.627   2.885   1.00 22.84 ? 42   ILE A C   1 
ATOM   354 O O   . ILE A 1 45 ? 6.944   0.499   3.882   1.00 21.78 ? 42   ILE A O   1 
ATOM   355 C CB  . ILE A 1 45 ? 8.975   2.806   2.550   1.00 22.47 ? 42   ILE A CB  1 
ATOM   356 C CG1 . ILE A 1 45 ? 10.283  3.526   2.926   1.00 26.23 ? 42   ILE A CG1 1 
ATOM   357 C CG2 . ILE A 1 45 ? 7.775   3.446   3.210   1.00 22.45 ? 42   ILE A CG2 1 
ATOM   358 C CD1 . ILE A 1 45 ? 10.540  4.841   2.132   1.00 22.28 ? 42   ILE A CD1 1 
ATOM   359 N N   . PHE A 1 46 ? 7.325   0.234   1.660   1.00 22.43 ? 43   PHE A N   1 
ATOM   360 C CA  . PHE A 1 46 ? 6.075   -0.440  1.439   1.00 22.06 ? 43   PHE A CA  1 
ATOM   361 C C   . PHE A 1 46 ? 6.046   -1.737  2.235   1.00 22.24 ? 43   PHE A C   1 
ATOM   362 O O   . PHE A 1 46 ? 5.058   -2.047  2.877   1.00 20.97 ? 43   PHE A O   1 
ATOM   363 C CB  . PHE A 1 46 ? 5.857   -0.705  -0.055  1.00 22.97 ? 43   PHE A CB  1 
ATOM   364 C CG  . PHE A 1 46 ? 4.589   -1.488  -0.364  1.00 22.51 ? 43   PHE A CG  1 
ATOM   365 C CD1 . PHE A 1 46 ? 3.354   -0.866  -0.322  1.00 23.21 ? 43   PHE A CD1 1 
ATOM   366 C CD2 . PHE A 1 46 ? 4.648   -2.821  -0.709  1.00 22.01 ? 43   PHE A CD2 1 
ATOM   367 C CE1 . PHE A 1 46 ? 2.213   -1.570  -0.607  1.00 21.58 ? 43   PHE A CE1 1 
ATOM   368 C CE2 . PHE A 1 46 ? 3.509   -3.555  -1.007  1.00 21.60 ? 43   PHE A CE2 1 
ATOM   369 C CZ  . PHE A 1 46 ? 2.282   -2.941  -0.967  1.00 20.53 ? 43   PHE A CZ  1 
ATOM   370 N N   . ILE A 1 47 ? 7.153   -2.487  2.234   1.00 22.35 ? 44   ILE A N   1 
ATOM   371 C CA  . ILE A 1 47 ? 7.200   -3.713  3.044   1.00 22.34 ? 44   ILE A CA  1 
ATOM   372 C C   . ILE A 1 47 ? 6.894   -3.413  4.534   1.00 22.24 ? 44   ILE A C   1 
ATOM   373 O O   . ILE A 1 47 ? 6.154   -4.135  5.182   1.00 21.75 ? 44   ILE A O   1 
ATOM   374 C CB  . ILE A 1 47 ? 8.551   -4.450  2.799   1.00 22.85 ? 44   ILE A CB  1 
ATOM   375 C CG1 . ILE A 1 47 ? 8.521   -5.047  1.368   1.00 23.96 ? 44   ILE A CG1 1 
ATOM   376 C CG2 . ILE A 1 47 ? 8.899   -5.493  3.920   1.00 24.33 ? 44   ILE A CG2 1 
ATOM   377 C CD1 . ILE A 1 47 ? 9.798   -5.722  0.957   1.00 28.36 ? 44   ILE A CD1 1 
ATOM   378 N N   . ARG A 1 48 ? 7.466   -2.333  5.051   1.00 21.46 ? 45   ARG A N   1 
ATOM   379 C CA  . ARG A 1 48 ? 7.275   -1.963  6.432   1.00 21.31 ? 45   ARG A CA  1 
ATOM   380 C C   . ARG A 1 48 ? 5.826   -1.518  6.680   1.00 20.80 ? 45   ARG A C   1 
ATOM   381 O O   . ARG A 1 48 ? 5.245   -1.825  7.718   1.00 20.41 ? 45   ARG A O   1 
ATOM   382 C CB  . ARG A 1 48 ? 8.244   -0.833  6.708   1.00 23.49 ? 45   ARG A CB  1 
ATOM   383 C CG  . ARG A 1 48 ? 8.295   -0.346  8.106   1.00 25.79 ? 45   ARG A CG  1 
ATOM   384 C CD  . ARG A 1 48 ? 9.654   0.248   8.419   1.00 31.25 ? 45   ARG A CD  1 
ATOM   385 N NE  . ARG A 1 48 ? 9.807   1.607   7.887   1.00 30.20 ? 45   ARG A NE  1 
ATOM   386 C CZ  . ARG A 1 48 ? 9.166   2.651   8.363   1.00 31.90 ? 45   ARG A CZ  1 
ATOM   387 N NH1 . ARG A 1 48 ? 8.308   2.519   9.365   1.00 31.09 ? 45   ARG A NH1 1 
ATOM   388 N NH2 . ARG A 1 48 ? 9.390   3.846   7.850   1.00 34.96 ? 45   ARG A NH2 1 
ATOM   389 N N   . LEU A 1 49 ? 5.252   -0.794  5.722   1.00 18.92 ? 46   LEU A N   1 
ATOM   390 C CA  . LEU A 1 49 ? 3.844   -0.453  5.809   1.00 20.24 ? 46   LEU A CA  1 
ATOM   391 C C   . LEU A 1 49 ? 2.994   -1.711  6.030   1.00 19.50 ? 46   LEU A C   1 
ATOM   392 O O   . LEU A 1 49 ? 2.076   -1.682  6.825   1.00 18.37 ? 46   LEU A O   1 
ATOM   393 C CB  . LEU A 1 49 ? 3.373   0.336   4.584   1.00 19.29 ? 46   LEU A CB  1 
ATOM   394 C CG  . LEU A 1 49 ? 1.959   0.931   4.698   1.00 21.01 ? 46   LEU A CG  1 
ATOM   395 C CD1 . LEU A 1 49 ? 1.903   2.024   5.819   1.00 21.15 ? 46   LEU A CD1 1 
ATOM   396 C CD2 . LEU A 1 49 ? 1.537   1.479   3.315   1.00 19.76 ? 46   LEU A CD2 1 
ATOM   397 N N   . LEU A 1 50 ? 3.337   -2.807  5.341   1.00 20.10 ? 47   LEU A N   1 
ATOM   398 C CA  . LEU A 1 50 ? 2.555   -4.032  5.407   1.00 21.52 ? 47   LEU A CA  1 
ATOM   399 C C   . LEU A 1 50 ? 2.525   -4.681  6.791   1.00 22.29 ? 47   LEU A C   1 
ATOM   400 O O   . LEU A 1 50 ? 1.644   -5.459  7.082   1.00 21.64 ? 47   LEU A O   1 
ATOM   401 C CB  . LEU A 1 50 ? 3.040   -5.054  4.380   1.00 21.11 ? 47   LEU A CB  1 
ATOM   402 C CG  . LEU A 1 50 ? 2.911   -4.689  2.913   1.00 22.01 ? 47   LEU A CG  1 
ATOM   403 C CD1 . LEU A 1 50 ? 3.436   -5.883  2.075   1.00 21.75 ? 47   LEU A CD1 1 
ATOM   404 C CD2 . LEU A 1 50 ? 1.474   -4.350  2.586   1.00 21.24 ? 47   LEU A CD2 1 
ATOM   405 N N   . GLU A 1 51 ? 3.512   -4.361  7.634   1.00 23.91 ? 48   GLU A N   1 
ATOM   406 C CA  . GLU A 1 51 ? 3.560   -4.780  9.040   1.00 24.77 ? 48   GLU A CA  1 
ATOM   407 C C   . GLU A 1 51 ? 2.640   -3.996  10.001  1.00 24.40 ? 48   GLU A C   1 
ATOM   408 O O   . GLU A 1 51 ? 2.442   -4.427  11.138  1.00 23.76 ? 48   GLU A O   1 
ATOM   409 C CB  . GLU A 1 51 ? 4.989   -4.616  9.562   1.00 25.54 ? 48   GLU A CB  1 
ATOM   410 C CG  . GLU A 1 51 ? 5.983   -5.406  8.789   1.00 31.69 ? 48   GLU A CG  1 
ATOM   411 C CD  . GLU A 1 51 ? 5.758   -6.888  8.989   1.00 40.28 ? 48   GLU A CD  1 
ATOM   412 O OE1 . GLU A 1 51 ? 5.227   -7.517  8.030   1.00 46.00 ? 48   GLU A OE1 1 
ATOM   413 O OE2 . GLU A 1 51 ? 6.092   -7.402  10.098  1.00 43.00 ? 48   GLU A OE2 1 
ATOM   414 N N   . CYS A 1 52 ? 2.128   -2.834  9.567   1.00 24.38 ? 49   CYS A N   1 
ATOM   415 C CA  . CYS A 1 52 ? 1.131   -2.078  10.358  1.00 23.57 ? 49   CYS A CA  1 
ATOM   416 C C   . CYS A 1 52 ? -0.171  -2.858  10.459  1.00 25.46 ? 49   CYS A C   1 
ATOM   417 O O   . CYS A 1 52 ? -0.443  -3.757  9.617   1.00 24.89 ? 49   CYS A O   1 
ATOM   418 C CB  . CYS A 1 52 ? 0.860   -0.706  9.747   1.00 24.25 ? 49   CYS A CB  1 
ATOM   419 S SG  . CYS A 1 52 ? 2.370   0.288   9.664   1.00 22.28 ? 49   CYS A SG  1 
ATOM   420 N N   . ASP A 1 53 ? -0.953  -2.574  11.509  1.00 24.95 ? 50   ASP A N   1 
ATOM   421 C CA  . ASP A 1 53 ? -2.241  -3.268  11.703  1.00 25.59 ? 50   ASP A CA  1 
ATOM   422 C C   . ASP A 1 53 ? -3.314  -2.726  10.726  1.00 24.51 ? 50   ASP A C   1 
ATOM   423 O O   . ASP A 1 53 ? -3.280  -1.557  10.325  1.00 23.89 ? 50   ASP A O   1 
ATOM   424 C CB  . ASP A 1 53 ? -2.768  -3.075  13.136  1.00 27.26 ? 50   ASP A CB  1 
ATOM   425 C CG  . ASP A 1 53 ? -1.726  -3.349  14.228  1.00 31.68 ? 50   ASP A CG  1 
ATOM   426 O OD1 . ASP A 1 53 ? -1.023  -4.371  14.158  1.00 37.33 ? 50   ASP A OD1 1 
ATOM   427 O OD2 . ASP A 1 53 ? -1.556  -2.601  15.223  1.00 36.28 ? 50   ASP A OD2 1 
ATOM   428 N N   . ASP A 1 54 ? -4.266  -3.564  10.358  1.00 23.08 ? 51   ASP A N   1 
ATOM   429 C CA  . ASP A 1 54 ? -5.328  -3.140  9.450   1.00 24.22 ? 51   ASP A CA  1 
ATOM   430 C C   . ASP A 1 54 ? -6.146  -1.913  9.882   1.00 22.95 ? 51   ASP A C   1 
ATOM   431 O O   . ASP A 1 54 ? -6.496  -1.072  9.018   1.00 22.50 ? 51   ASP A O   1 
ATOM   432 C CB  . ASP A 1 54 ? -6.253  -4.308  9.108   1.00 25.18 ? 51   ASP A CB  1 
ATOM   433 C CG  . ASP A 1 54 ? -5.604  -5.288  8.182   1.00 26.25 ? 51   ASP A CG  1 
ATOM   434 O OD1 . ASP A 1 54 ? -4.415  -5.071  7.761   1.00 24.10 ? 51   ASP A OD1 1 
ATOM   435 O OD2 . ASP A 1 54 ? -6.232  -6.288  7.826   1.00 26.51 ? 51   ASP A OD2 1 
ATOM   436 N N   . PRO A 1 55 ? -6.520  -1.800  11.160  1.00 21.70 ? 52   PRO A N   1 
ATOM   437 C CA  . PRO A 1 55 ? -7.255  -0.585  11.577  1.00 21.11 ? 52   PRO A CA  1 
ATOM   438 C C   . PRO A 1 55 ? -6.502  0.708   11.235  1.00 19.32 ? 52   PRO A C   1 
ATOM   439 O O   . PRO A 1 55 ? -7.119  1.670   10.799  1.00 19.64 ? 52   PRO A O   1 
ATOM   440 C CB  . PRO A 1 55 ? -7.421  -0.771  13.074  1.00 20.31 ? 52   PRO A CB  1 
ATOM   441 C CG  . PRO A 1 55 ? -7.389  -2.285  13.246  1.00 20.81 ? 52   PRO A CG  1 
ATOM   442 C CD  . PRO A 1 55 ? -6.411  -2.780  12.265  1.00 21.67 ? 52   PRO A CD  1 
ATOM   443 N N   . ASP A 1 56 ? -5.190  0.717   11.401  1.00 20.02 ? 53   ASP A N   1 
ATOM   444 C CA  . ASP A 1 56 ? -4.402  1.886   11.028  1.00 20.84 ? 53   ASP A CA  1 
ATOM   445 C C   . ASP A 1 56 ? -4.298  2.097   9.513   1.00 20.68 ? 53   ASP A C   1 
ATOM   446 O O   . ASP A 1 56 ? -4.409  3.227   9.036   1.00 20.73 ? 53   ASP A O   1 
ATOM   447 C CB  . ASP A 1 56 ? -3.029  1.770   11.637  1.00 21.48 ? 53   ASP A CB  1 
ATOM   448 C CG  . ASP A 1 56 ? -3.033  2.125   13.128  1.00 23.36 ? 53   ASP A CG  1 
ATOM   449 O OD1 . ASP A 1 56 ? -2.190  1.596   13.873  1.00 30.96 ? 53   ASP A OD1 1 
ATOM   450 O OD2 . ASP A 1 56 ? -3.853  2.916   13.623  1.00 22.23 ? 53   ASP A OD2 1 
ATOM   451 N N   . LEU A 1 57 ? -4.030  1.021   8.775   1.00 20.23 ? 54   LEU A N   1 
ATOM   452 C CA  . LEU A 1 57 ? -3.901  1.133   7.305   1.00 21.31 ? 54   LEU A CA  1 
ATOM   453 C C   . LEU A 1 57 ? -5.209  1.672   6.710   1.00 21.47 ? 54   LEU A C   1 
ATOM   454 O O   . LEU A 1 57 ? -5.177  2.480   5.760   1.00 21.62 ? 54   LEU A O   1 
ATOM   455 C CB  . LEU A 1 57 ? -3.511  -0.213  6.638   1.00 18.56 ? 54   LEU A CB  1 
ATOM   456 C CG  . LEU A 1 57 ? -2.162  -0.846  7.016   1.00 20.69 ? 54   LEU A CG  1 
ATOM   457 C CD1 . LEU A 1 57 ? -2.042  -2.188  6.287   1.00 24.11 ? 54   LEU A CD1 1 
ATOM   458 C CD2 . LEU A 1 57 ? -1.003  0.025   6.607   1.00 23.67 ? 54   LEU A CD2 1 
ATOM   459 N N   . PHE A 1 58 ? -6.343  1.224   7.259   1.00 20.75 ? 55   PHE A N   1 
ATOM   460 C CA  . PHE A 1 58 ? -7.615  1.645   6.711   1.00 22.44 ? 55   PHE A CA  1 
ATOM   461 C C   . PHE A 1 58 ? -7.890  3.129   7.004   1.00 23.16 ? 55   PHE A C   1 
ATOM   462 O O   . PHE A 1 58 ? -8.324  3.879   6.099   1.00 23.34 ? 55   PHE A O   1 
ATOM   463 C CB  . PHE A 1 58 ? -8.761  0.751   7.137   1.00 22.64 ? 55   PHE A CB  1 
ATOM   464 C CG  . PHE A 1 58 ? -10.085 1.162   6.540   1.00 27.56 ? 55   PHE A CG  1 
ATOM   465 C CD1 . PHE A 1 58 ? -10.323 1.032   5.167   1.00 30.55 ? 55   PHE A CD1 1 
ATOM   466 C CD2 . PHE A 1 58 ? -11.083 1.686   7.341   1.00 30.49 ? 55   PHE A CD2 1 
ATOM   467 C CE1 . PHE A 1 58 ? -11.532 1.424   4.614   1.00 31.66 ? 55   PHE A CE1 1 
ATOM   468 C CE2 . PHE A 1 58 ? -12.304 2.105   6.796   1.00 33.98 ? 55   PHE A CE2 1 
ATOM   469 C CZ  . PHE A 1 58 ? -12.521 1.967   5.421   1.00 36.18 ? 55   PHE A CZ  1 
ATOM   470 N N   . ASN A 1 59 ? -7.598  3.552   8.239   1.00 22.18 ? 56   ASN A N   1 
ATOM   471 C CA  . ASN A 1 59 ? -7.664  4.957   8.586   1.00 22.93 ? 56   ASN A CA  1 
ATOM   472 C C   . ASN A 1 59 ? -6.746  5.795   7.681   1.00 22.08 ? 56   ASN A C   1 
ATOM   473 O O   . ASN A 1 59 ? -7.161  6.838   7.165   1.00 21.77 ? 56   ASN A O   1 
ATOM   474 C CB  . ASN A 1 59 ? -7.276  5.201   10.072  1.00 22.89 ? 56   ASN A CB  1 
ATOM   475 C CG  . ASN A 1 59 ? -8.450  5.060   11.040  1.00 24.41 ? 56   ASN A CG  1 
ATOM   476 O OD1 . ASN A 1 59 ? -9.615  5.138   10.657  1.00 23.22 ? 56   ASN A OD1 1 
ATOM   477 N ND2 . ASN A 1 59 ? -8.131  4.826   12.313  1.00 24.21 ? 56   ASN A ND2 1 
ATOM   478 N N   . TRP A 1 60 ? -5.513  5.345   7.464   1.00 21.31 ? 57   TRP A N   1 
ATOM   479 C CA  . TRP A 1 60 ? -4.602  6.150   6.613   1.00 21.87 ? 57   TRP A CA  1 
ATOM   480 C C   . TRP A 1 60 ? -5.088  6.288   5.161   1.00 21.81 ? 57   TRP A C   1 
ATOM   481 O O   . TRP A 1 60 ? -5.111  7.409   4.589   1.00 21.86 ? 57   TRP A O   1 
ATOM   482 C CB  . TRP A 1 60 ? -3.163  5.665   6.700   1.00 21.16 ? 57   TRP A CB  1 
ATOM   483 C CG  . TRP A 1 60 ? -2.668  5.723   8.105   1.00 22.56 ? 57   TRP A CG  1 
ATOM   484 C CD1 . TRP A 1 60 ? -3.122  6.558   9.104   1.00 22.71 ? 57   TRP A CD1 1 
ATOM   485 C CD2 . TRP A 1 60 ? -1.690  4.873   8.718   1.00 23.95 ? 57   TRP A CD2 1 
ATOM   486 N NE1 . TRP A 1 60 ? -2.459  6.292   10.275  1.00 22.11 ? 57   TRP A NE1 1 
ATOM   487 C CE2 . TRP A 1 60 ? -1.577  5.267   10.074  1.00 21.68 ? 57   TRP A CE2 1 
ATOM   488 C CE3 . TRP A 1 60 ? -0.900  3.805   8.265   1.00 22.85 ? 57   TRP A CE3 1 
ATOM   489 C CZ2 . TRP A 1 60 ? -0.707  4.647   10.970  1.00 22.14 ? 57   TRP A CZ2 1 
ATOM   490 C CZ3 . TRP A 1 60 ? -0.013  3.206   9.156   1.00 20.77 ? 57   TRP A CZ3 1 
ATOM   491 C CH2 . TRP A 1 60 ? 0.088   3.636   10.482  1.00 23.20 ? 57   TRP A CH2 1 
ATOM   492 N N   . LEU A 1 61 ? -5.498  5.150   4.600   1.00 21.24 ? 58   LEU A N   1 
ATOM   493 C CA  . LEU A 1 61 ? -5.990  5.068   3.232   1.00 22.17 ? 58   LEU A CA  1 
ATOM   494 C C   . LEU A 1 61 ? -7.288  5.859   3.027   1.00 22.64 ? 58   LEU A C   1 
ATOM   495 O O   . LEU A 1 61 ? -7.470  6.436   1.971   1.00 22.07 ? 58   LEU A O   1 
ATOM   496 C CB  . LEU A 1 61 ? -6.146  3.612   2.795   1.00 21.92 ? 58   LEU A CB  1 
ATOM   497 C CG  . LEU A 1 61 ? -4.764  2.956   2.539   1.00 24.96 ? 58   LEU A CG  1 
ATOM   498 C CD1 . LEU A 1 61 ? -4.893  1.433   2.397   1.00 22.91 ? 58   LEU A CD1 1 
ATOM   499 C CD2 . LEU A 1 61 ? -4.021  3.567   1.337   1.00 21.12 ? 58   LEU A CD2 1 
ATOM   500 N N   . MET A 1 62 ? -8.114  5.950   4.062   1.00 23.78 ? 59   MET A N   1 
ATOM   501 C CA  . MET A 1 62 ? -9.288  6.847   4.082   1.00 25.13 ? 59   MET A CA  1 
ATOM   502 C C   . MET A 1 62 ? -8.982  8.308   4.496   1.00 25.45 ? 59   MET A C   1 
ATOM   503 O O   . MET A 1 62 ? -9.882  9.143   4.505   1.00 25.99 ? 59   MET A O   1 
ATOM   504 C CB  . MET A 1 62 ? -10.334 6.285   5.041   1.00 25.73 ? 59   MET A CB  1 
ATOM   505 C CG  . MET A 1 62 ? -11.379 5.398   4.387   1.00 29.90 ? 59   MET A CG  1 
ATOM   506 S SD  . MET A 1 62 ? -12.136 6.155   2.954   1.00 40.51 ? 59   MET A SD  1 
ATOM   507 C CE  . MET A 1 62 ? -13.357 7.268   3.699   1.00 37.31 ? 59   MET A CE  1 
ATOM   508 N N   . ASN A 1 63 ? -7.722  8.605   4.842   1.00 25.41 ? 60   ASN A N   1 
ATOM   509 C CA  . ASN A 1 63 ? -7.294  9.930   5.285   1.00 24.78 ? 60   ASN A CA  1 
ATOM   510 C C   . ASN A 1 63 ? -7.874  10.392  6.627   1.00 25.53 ? 60   ASN A C   1 
ATOM   511 O O   . ASN A 1 63 ? -8.008  11.601  6.874   1.00 24.95 ? 60   ASN A O   1 
ATOM   512 C CB  . ASN A 1 63 ? -7.485  10.977  4.175   1.00 24.66 ? 60   ASN A CB  1 
ATOM   513 C CG  . ASN A 1 63 ? -6.659  10.659  2.953   1.00 25.10 ? 60   ASN A CG  1 
ATOM   514 O OD1 . ASN A 1 63 ? -5.439  10.815  2.975   1.00 26.90 ? 60   ASN A OD1 1 
ATOM   515 N ND2 . ASN A 1 63 ? -7.310  10.200  1.884   1.00 23.58 ? 60   ASN A ND2 1 
ATOM   516 N N   . HIS A 1 64 ? -8.262  9.434   7.473   1.00 25.75 ? 61   HIS A N   1 
ATOM   517 C CA  . HIS A 1 64 ? -8.575  9.757   8.858   1.00 26.58 ? 61   HIS A CA  1 
ATOM   518 C C   . HIS A 1 64 ? -7.230  9.871   9.556   1.00 26.48 ? 61   HIS A C   1 
ATOM   519 O O   . HIS A 1 64 ? -6.713  8.910   10.148  1.00 26.18 ? 61   HIS A O   1 
ATOM   520 C CB  . HIS A 1 64 ? -9.448  8.663   9.470   1.00 28.21 ? 61   HIS A CB  1 
ATOM   521 C CG  . HIS A 1 64 ? -10.106 9.052   10.750  1.00 31.30 ? 61   HIS A CG  1 
ATOM   522 N ND1 . HIS A 1 64 ? -10.053 8.264   11.879  1.00 38.39 ? 61   HIS A ND1 1 
ATOM   523 C CD2 . HIS A 1 64 ? -10.865 10.125  11.083  1.00 34.53 ? 61   HIS A CD2 1 
ATOM   524 C CE1 . HIS A 1 64 ? -10.745 8.834   12.852  1.00 36.22 ? 61   HIS A CE1 1 
ATOM   525 N NE2 . HIS A 1 64 ? -11.255 9.959   12.392  1.00 33.53 ? 61   HIS A NE2 1 
ATOM   526 N N   . GLY A 1 65 ? -6.642  11.054  9.445   1.00 25.74 ? 62   GLY A N   1 
ATOM   527 C CA  . GLY A 1 65 ? -5.295  11.277  9.924   1.00 26.75 ? 62   GLY A CA  1 
ATOM   528 C C   . GLY A 1 65 ? -4.244  10.591  9.062   1.00 26.13 ? 62   GLY A C   1 
ATOM   529 O O   . GLY A 1 65 ? -4.459  10.341  7.884   1.00 25.69 ? 62   GLY A O   1 
ATOM   530 N N   . LYS A 1 66 ? -3.117  10.233  9.670   1.00 26.17 ? 63   LYS A N   1 
ATOM   531 C CA  . LYS A 1 66 ? -1.965  9.781   8.888   1.00 25.91 ? 63   LYS A CA  1 
ATOM   532 C C   . LYS A 1 66 ? -0.927  9.236   9.843   1.00 26.44 ? 63   LYS A C   1 
ATOM   533 O O   . LYS A 1 66 ? -1.004  9.538   11.035  1.00 25.02 ? 63   LYS A O   1 
ATOM   534 C CB  . LYS A 1 66 ? -1.360  10.958  8.140   1.00 26.32 ? 63   LYS A CB  1 
ATOM   535 C CG  . LYS A 1 66 ? -0.858  12.093  9.036   1.00 28.35 ? 63   LYS A CG  1 
ATOM   536 C CD  . LYS A 1 66 ? 0.008   13.039  8.224   1.00 28.49 ? 63   LYS A CD  1 
ATOM   537 C CE  . LYS A 1 66 ? 0.595   14.160  9.055   1.00 31.92 ? 63   LYS A CE  1 
ATOM   538 N NZ  . LYS A 1 66 ? 1.130   15.299  8.237   1.00 31.78 ? 63   LYS A NZ  1 
ATOM   539 N N   . PRO A 1 67 ? 0.056   8.479   9.325   1.00 25.86 ? 64   PRO A N   1 
ATOM   540 C CA  . PRO A 1 67 ? 1.126   7.931   10.158  1.00 25.45 ? 64   PRO A CA  1 
ATOM   541 C C   . PRO A 1 67 ? 2.064   9.053   10.620  1.00 25.64 ? 64   PRO A C   1 
ATOM   542 O O   . PRO A 1 67 ? 2.321   10.044  9.913   1.00 24.95 ? 64   PRO A O   1 
ATOM   543 C CB  . PRO A 1 67 ? 1.902   6.993   9.194   1.00 26.44 ? 64   PRO A CB  1 
ATOM   544 C CG  . PRO A 1 67 ? 1.076   6.859   7.983   1.00 25.79 ? 64   PRO A CG  1 
ATOM   545 C CD  . PRO A 1 67 ? 0.233   8.130   7.900   1.00 25.80 ? 64   PRO A CD  1 
ATOM   546 N N   . ALA A 1 68 ? 2.561   8.882   11.828  1.00 25.63 ? 65   ALA A N   1 
ATOM   547 C CA  . ALA A 1 68 ? 3.565   9.763   12.409  1.00 24.97 ? 65   ALA A CA  1 
ATOM   548 C C   . ALA A 1 68 ? 4.887   9.606   11.691  1.00 24.70 ? 65   ALA A C   1 
ATOM   549 O O   . ALA A 1 68 ? 5.690   10.550  11.612  1.00 24.96 ? 65   ALA A O   1 
ATOM   550 C CB  . ALA A 1 68 ? 3.712   9.393   13.882  1.00 24.38 ? 65   ALA A CB  1 
ATOM   551 N N   . ASP A 1 69 ? 5.097   8.413   11.134  1.00 23.70 ? 66   ASP A N   1 
ATOM   552 C CA  . ASP A 1 69 ? 6.307   8.108   10.387  1.00 23.76 ? 66   ASP A CA  1 
ATOM   553 C C   . ASP A 1 69 ? 6.200   8.678   8.967   1.00 21.91 ? 66   ASP A C   1 
ATOM   554 O O   . ASP A 1 69 ? 5.391   8.178   8.170   1.00 21.91 ? 66   ASP A O   1 
ATOM   555 C CB  . ASP A 1 69 ? 6.468   6.587   10.338  1.00 23.71 ? 66   ASP A CB  1 
ATOM   556 C CG  . ASP A 1 69 ? 7.780   6.143   9.675   1.00 26.86 ? 66   ASP A CG  1 
ATOM   557 O OD1 . ASP A 1 69 ? 8.177   6.692   8.621   1.00 26.17 ? 66   ASP A OD1 1 
ATOM   558 O OD2 . ASP A 1 69 ? 8.485   5.252   10.168  1.00 28.49 ? 66   ASP A OD2 1 
ATOM   559 N N   . ALA A 1 70 ? 7.008   9.683   8.618   1.00 20.27 ? 67   ALA A N   1 
ATOM   560 C CA  . ALA A 1 70 ? 6.795   10.372  7.340   1.00 19.73 ? 67   ALA A CA  1 
ATOM   561 C C   . ALA A 1 70 ? 6.980   9.433   6.142   1.00 19.34 ? 67   ALA A C   1 
ATOM   562 O O   . ALA A 1 70 ? 6.378   9.642   5.095   1.00 18.96 ? 67   ALA A O   1 
ATOM   563 C CB  . ALA A 1 70 ? 7.738   11.582  7.176   1.00 20.07 ? 67   ALA A CB  1 
ATOM   564 N N   . GLU A 1 71 ? 7.836   8.421   6.280   1.00 18.64 ? 68   GLU A N   1 
ATOM   565 C CA  . GLU A 1 71 ? 8.041   7.464   5.156   1.00 19.32 ? 68   GLU A CA  1 
ATOM   566 C C   . GLU A 1 71 ? 6.762   6.697   4.905   1.00 18.60 ? 68   GLU A C   1 
ATOM   567 O O   . GLU A 1 71 ? 6.392   6.442   3.754   1.00 18.47 ? 68   GLU A O   1 
ATOM   568 C CB  . GLU A 1 71 ? 9.188   6.501   5.447   1.00 18.62 ? 68   GLU A CB  1 
ATOM   569 C CG  . GLU A 1 71 ? 10.514  7.235   5.592   1.00 22.48 ? 68   GLU A CG  1 
ATOM   570 C CD  . GLU A 1 71 ? 11.699  6.273   5.718   1.00 27.52 ? 68   GLU A CD  1 
ATOM   571 O OE1 . GLU A 1 71 ? 11.516  5.180   6.281   1.00 23.87 ? 68   GLU A OE1 1 
ATOM   572 O OE2 . GLU A 1 71 ? 12.814  6.620   5.291   1.00 26.44 ? 68   GLU A OE2 1 
ATOM   573 N N   . LEU A 1 72 ? 6.112   6.296   5.993   1.00 18.43 ? 69   LEU A N   1 
ATOM   574 C CA  . LEU A 1 72 ? 4.862   5.599   5.888   1.00 17.75 ? 69   LEU A CA  1 
ATOM   575 C C   . LEU A 1 72 ? 3.793   6.544   5.329   1.00 19.32 ? 69   LEU A C   1 
ATOM   576 O O   . LEU A 1 72 ? 2.982   6.146   4.460   1.00 19.61 ? 69   LEU A O   1 
ATOM   577 C CB  . LEU A 1 72 ? 4.448   5.055   7.243   1.00 17.89 ? 69   LEU A CB  1 
ATOM   578 C CG  . LEU A 1 72 ? 5.326   3.966   7.879   1.00 18.34 ? 69   LEU A CG  1 
ATOM   579 C CD1 . LEU A 1 72 ? 4.640   3.487   9.109   1.00 22.26 ? 69   LEU A CD1 1 
ATOM   580 C CD2 . LEU A 1 72 ? 5.588   2.765   6.940   1.00 18.13 ? 69   LEU A CD2 1 
ATOM   581 N N   . GLU A 1 73 ? 3.764   7.785   5.816   1.00 19.20 ? 70   GLU A N   1 
ATOM   582 C CA  . GLU A 1 73 ? 2.845   8.759   5.213   1.00 20.99 ? 70   GLU A CA  1 
ATOM   583 C C   . GLU A 1 73 ? 3.042   8.903   3.693   1.00 20.46 ? 70   GLU A C   1 
ATOM   584 O O   . GLU A 1 73 ? 2.079   8.920   2.971   1.00 19.23 ? 70   GLU A O   1 
ATOM   585 C CB  . GLU A 1 73 ? 2.925   10.133  5.864   1.00 20.45 ? 70   GLU A CB  1 
ATOM   586 C CG  . GLU A 1 73 ? 1.989   11.105  5.160   1.00 23.96 ? 70   GLU A CG  1 
ATOM   587 C CD  . GLU A 1 73 ? 2.175   12.520  5.646   1.00 29.08 ? 70   GLU A CD  1 
ATOM   588 O OE1 . GLU A 1 73 ? 2.960   12.706  6.609   1.00 30.12 ? 70   GLU A OE1 1 
ATOM   589 O OE2 . GLU A 1 73 ? 1.520   13.416  5.059   1.00 30.18 ? 70   GLU A OE2 1 
ATOM   590 N N   . MET A 1 74 ? 4.281   9.031   3.226   1.00 21.21 ? 71   MET A N   1 
ATOM   591 C CA  . MET A 1 74 ? 4.552   9.163   1.793   1.00 22.08 ? 71   MET A CA  1 
ATOM   592 C C   . MET A 1 74 ? 4.092   7.921   1.006   1.00 21.81 ? 71   MET A C   1 
ATOM   593 O O   . MET A 1 74 ? 3.620   8.040   -0.100  1.00 20.54 ? 71   MET A O   1 
ATOM   594 C CB  . MET A 1 74 ? 6.078   9.373   1.561   1.00 25.21 ? 71   MET A CB  1 
ATOM   595 C CG  . MET A 1 74 ? 6.599   9.242   0.066   1.00 29.77 ? 71   MET A CG  1 
ATOM   596 S SD  . MET A 1 74 ? 6.925   7.557   -0.794  1.00 37.54 ? 71   MET A SD  1 
ATOM   597 C CE  . MET A 1 74 ? 7.747   6.629   0.628   1.00 31.94 ? 71   MET A CE  1 
ATOM   598 N N   . MET A 1 75 ? 4.250   6.734   1.591   1.00 20.91 ? 72   MET A N   1 
ATOM   599 C CA  . MET A 1 75 ? 3.881   5.493   0.907   1.00 20.73 ? 72   MET A CA  1 
ATOM   600 C C   . MET A 1 75 ? 2.359   5.397   0.827   1.00 20.01 ? 72   MET A C   1 
ATOM   601 O O   . MET A 1 75 ? 1.805   5.050   -0.210  1.00 20.07 ? 72   MET A O   1 
ATOM   602 C CB  . MET A 1 75 ? 4.479   4.271   1.637   1.00 20.20 ? 72   MET A CB  1 
ATOM   603 C CG  . MET A 1 75 ? 4.358   2.905   0.900   1.00 21.36 ? 72   MET A CG  1 
ATOM   604 S SD  . MET A 1 75 ? 4.596   2.971   -0.860  1.00 25.03 ? 72   MET A SD  1 
ATOM   605 C CE  . MET A 1 75 ? 6.301   3.264   -0.842  1.00 20.16 ? 72   MET A CE  1 
ATOM   606 N N   . VAL A 1 76 ? 1.673   5.748   1.912   1.00 19.55 ? 73   VAL A N   1 
ATOM   607 C CA  . VAL A 1 76 ? 0.211   5.731   1.897   1.00 19.34 ? 73   VAL A CA  1 
ATOM   608 C C   . VAL A 1 76 ? -0.282  6.635   0.777   1.00 19.30 ? 73   VAL A C   1 
ATOM   609 O O   . VAL A 1 76 ? -1.191  6.261   0.008   1.00 19.95 ? 73   VAL A O   1 
ATOM   610 C CB  . VAL A 1 76 ? -0.380  6.159   3.263   1.00 18.62 ? 73   VAL A CB  1 
ATOM   611 C CG1 . VAL A 1 76 ? -1.904  6.564   3.155   1.00 19.96 ? 73   VAL A CG1 1 
ATOM   612 C CG2 . VAL A 1 76 ? -0.185  5.002   4.289   1.00 15.77 ? 73   VAL A CG2 1 
ATOM   613 N N   . ARG A 1 77 ? 0.324   7.804   0.670   1.00 19.04 ? 74   ARG A N   1 
ATOM   614 C CA  . ARG A 1 77 ? -0.089  8.779   -0.349  1.00 19.56 ? 74   ARG A CA  1 
ATOM   615 C C   . ARG A 1 77 ? 0.198   8.306   -1.750  1.00 20.35 ? 74   ARG A C   1 
ATOM   616 O O   . ARG A 1 77 ? -0.568  8.614   -2.662  1.00 20.92 ? 74   ARG A O   1 
ATOM   617 C CB  . ARG A 1 77 ? 0.513   10.163  -0.066  1.00 19.61 ? 74   ARG A CB  1 
ATOM   618 C CG  . ARG A 1 77 ? -0.169  10.774  1.184   1.00 21.24 ? 74   ARG A CG  1 
ATOM   619 C CD  . ARG A 1 77 ? 0.464   11.968  1.742   1.00 26.02 ? 74   ARG A CD  1 
ATOM   620 N NE  . ARG A 1 77 ? 0.367   13.065  0.790   1.00 29.89 ? 74   ARG A NE  1 
ATOM   621 C CZ  . ARG A 1 77 ? 0.648   14.310  1.093   1.00 28.88 ? 74   ARG A CZ  1 
ATOM   622 N NH1 . ARG A 1 77 ? 1.037   14.596  2.323   1.00 31.17 ? 74   ARG A NH1 1 
ATOM   623 N NH2 . ARG A 1 77 ? 0.561   15.263  0.171   1.00 27.38 ? 74   ARG A NH2 1 
ATOM   624 N N   . LEU A 1 78 ? 1.311   7.580   -1.933  1.00 19.96 ? 75   LEU A N   1 
ATOM   625 C CA  . LEU A 1 78 ? 1.629   7.035   -3.259  1.00 20.74 ? 75   LEU A CA  1 
ATOM   626 C C   . LEU A 1 78 ? 0.626   5.977   -3.692  1.00 20.26 ? 75   LEU A C   1 
ATOM   627 O O   . LEU A 1 78 ? 0.198   5.944   -4.854  1.00 21.26 ? 75   LEU A O   1 
ATOM   628 C CB  . LEU A 1 78 ? 3.061   6.517   -3.318  1.00 20.61 ? 75   LEU A CB  1 
ATOM   629 C CG  . LEU A 1 78 ? 3.694   6.008   -4.627  1.00 23.81 ? 75   LEU A CG  1 
ATOM   630 C CD1 . LEU A 1 78 ? 3.674   7.080   -5.730  1.00 23.85 ? 75   LEU A CD1 1 
ATOM   631 C CD2 . LEU A 1 78 ? 5.125   5.545   -4.350  1.00 26.32 ? 75   LEU A CD2 1 
ATOM   632 N N   . ILE A 1 79 ? 0.215   5.137   -2.749  1.00 19.94 ? 76   ILE A N   1 
ATOM   633 C CA  . ILE A 1 79 ? -0.878  4.197   -2.985  1.00 18.28 ? 76   ILE A CA  1 
ATOM   634 C C   . ILE A 1 79 ? -2.147  4.887   -3.438  1.00 18.43 ? 76   ILE A C   1 
ATOM   635 O O   . ILE A 1 79 ? -2.785  4.443   -4.396  1.00 17.11 ? 76   ILE A O   1 
ATOM   636 C CB  . ILE A 1 79 ? -1.136  3.320   -1.743  1.00 18.30 ? 76   ILE A CB  1 
ATOM   637 C CG1 . ILE A 1 79 ? 0.103   2.443   -1.519  1.00 14.96 ? 76   ILE A CG1 1 
ATOM   638 C CG2 . ILE A 1 79 ? -2.403  2.493   -1.939  1.00 16.57 ? 76   ILE A CG2 1 
ATOM   639 C CD1 . ILE A 1 79 ? 0.213   1.818   -0.120  1.00 18.45 ? 76   ILE A CD1 1 
ATOM   640 N N   . GLN A 1 80 ? -2.498  5.984   -2.777  1.00 17.83 ? 77   GLN A N   1 
ATOM   641 C CA  . GLN A 1 80 ? -3.709  6.722   -3.112  1.00 19.38 ? 77   GLN A CA  1 
ATOM   642 C C   . GLN A 1 80 ? -3.645  7.295   -4.493  1.00 20.18 ? 77   GLN A C   1 
ATOM   643 O O   . GLN A 1 80 ? -4.608  7.204   -5.213  1.00 20.18 ? 77   GLN A O   1 
ATOM   644 C CB  . GLN A 1 80 ? -3.976  7.848   -2.117  1.00 18.52 ? 77   GLN A CB  1 
ATOM   645 C CG  . GLN A 1 80 ? -4.121  7.299   -0.679  1.00 21.97 ? 77   GLN A CG  1 
ATOM   646 C CD  . GLN A 1 80 ? -4.188  8.400   0.372   1.00 28.45 ? 77   GLN A CD  1 
ATOM   647 O OE1 . GLN A 1 80 ? -4.861  8.249   1.382   1.00 30.64 ? 77   GLN A OE1 1 
ATOM   648 N NE2 . GLN A 1 80 ? -3.480  9.495   0.137   1.00 31.19 ? 77   GLN A NE2 1 
ATOM   649 N N   . THR A 1 81 ? -2.530  7.951   -4.799  1.00 21.19 ? 78   THR A N   1 
ATOM   650 C CA  . THR A 1 81 ? -2.292  8.543   -6.101  1.00 22.70 ? 78   THR A CA  1 
ATOM   651 C C   . THR A 1 81 ? -2.319  7.514   -7.224  1.00 22.47 ? 78   THR A C   1 
ATOM   652 O O   . THR A 1 81 ? -3.025  7.707   -8.228  1.00 22.98 ? 78   THR A O   1 
ATOM   653 C CB  . THR A 1 81 ? -0.936  9.242   -6.053  1.00 23.85 ? 78   THR A CB  1 
ATOM   654 O OG1 . THR A 1 81 ? -1.044  10.373  -5.169  1.00 25.36 ? 78   THR A OG1 1 
ATOM   655 C CG2 . THR A 1 81 ? -0.602  9.870   -7.410  1.00 25.02 ? 78   THR A CG2 1 
ATOM   656 N N   . ARG A 1 82 ? -1.546  6.438   -7.085  1.00 22.33 ? 79   ARG A N   1 
ATOM   657 C CA  . ARG A 1 82 ? -1.532  5.405   -8.120  1.00 23.66 ? 79   ARG A CA  1 
ATOM   658 C C   . ARG A 1 82 ? -2.864  4.716   -8.294  1.00 22.66 ? 79   ARG A C   1 
ATOM   659 O O   . ARG A 1 82 ? -3.250  4.416   -9.411  1.00 23.98 ? 79   ARG A O   1 
ATOM   660 C CB  . ARG A 1 82 ? -0.447  4.348   -7.840  1.00 23.36 ? 79   ARG A CB  1 
ATOM   661 C CG  . ARG A 1 82 ? 0.977   4.955   -7.917  1.00 25.09 ? 79   ARG A CG  1 
ATOM   662 C CD  . ARG A 1 82 ? 1.381   5.449   -9.303  1.00 26.30 ? 79   ARG A CD  1 
ATOM   663 N NE  . ARG A 1 82 ? 2.757   5.928   -9.246  1.00 27.39 ? 79   ARG A NE  1 
ATOM   664 C CZ  . ARG A 1 82 ? 3.823   5.139   -9.200  1.00 28.49 ? 79   ARG A CZ  1 
ATOM   665 N NH1 . ARG A 1 82 ? 3.705   3.810   -9.266  1.00 29.16 ? 79   ARG A NH1 1 
ATOM   666 N NH2 . ARG A 1 82 ? 5.024   5.677   -9.142  1.00 30.66 ? 79   ARG A NH2 1 
ATOM   667 N N   . ASN A 1 83 ? -3.548  4.428   -7.191  1.00 22.85 ? 80   ASN A N   1 
ATOM   668 C CA  . ASN A 1 83 ? -4.842  3.733   -7.244  1.00 22.77 ? 80   ASN A CA  1 
ATOM   669 C C   . ASN A 1 83 ? -5.897  4.595   -7.914  1.00 24.13 ? 80   ASN A C   1 
ATOM   670 O O   . ASN A 1 83 ? -6.743  4.096   -8.703  1.00 23.28 ? 80   ASN A O   1 
ATOM   671 C CB  . ASN A 1 83 ? -5.282  3.319   -5.839  1.00 21.93 ? 80   ASN A CB  1 
ATOM   672 C CG  . ASN A 1 83 ? -4.614  2.040   -5.407  1.00 23.57 ? 80   ASN A CG  1 
ATOM   673 O OD1 . ASN A 1 83 ? -3.708  1.576   -6.071  1.00 22.58 ? 80   ASN A OD1 1 
ATOM   674 N ND2 . ASN A 1 83 ? -5.064  1.462   -4.310  1.00 22.92 ? 80   ASN A ND2 1 
ATOM   675 N N   . ARG A 1 84 ? -5.832  5.893   -7.595  1.00 24.44 ? 81   ARG A N   1 
ATOM   676 C CA  . ARG A 1 84 ? -6.785  6.869   -8.151  1.00 25.80 ? 81   ARG A CA  1 
ATOM   677 C C   . ARG A 1 84 ? -6.687  6.937   -9.654  1.00 25.62 ? 81   ARG A C   1 
ATOM   678 O O   . ARG A 1 84 ? -7.714  7.001   -10.352 1.00 24.54 ? 81   ARG A O   1 
ATOM   679 C CB  . ARG A 1 84 ? -6.505  8.264   -7.563  1.00 25.34 ? 81   ARG A CB  1 
ATOM   680 C CG  . ARG A 1 84 ? -7.452  9.326   -8.071  1.00 27.63 ? 81   ARG A CG  1 
ATOM   681 C CD  . ARG A 1 84 ? -7.388  10.628  -7.280  1.00 33.49 ? 81   ARG A CD  1 
ATOM   682 N NE  . ARG A 1 84 ? -6.019  11.081  -7.187  1.00 35.91 ? 81   ARG A NE  1 
ATOM   683 C CZ  . ARG A 1 84 ? -5.301  11.173  -6.068  1.00 33.30 ? 81   ARG A CZ  1 
ATOM   684 N NH1 . ARG A 1 84 ? -5.791  10.866  -4.870  1.00 35.27 ? 81   ARG A NH1 1 
ATOM   685 N NH2 . ARG A 1 84 ? -4.056  11.587  -6.176  1.00 35.82 ? 81   ARG A NH2 1 
ATOM   686 N N   . GLU A 1 85 ? -5.461  6.930   -10.161 1.00 26.58 ? 82   GLU A N   1 
ATOM   687 C CA  . GLU A 1 85 ? -5.236  7.008   -11.620 1.00 29.36 ? 82   GLU A CA  1 
ATOM   688 C C   . GLU A 1 85 ? -5.510  5.715   -12.406 1.00 30.70 ? 82   GLU A C   1 
ATOM   689 O O   . GLU A 1 85 ? -5.787  5.775   -13.604 1.00 32.45 ? 82   GLU A O   1 
ATOM   690 C CB  . GLU A 1 85 ? -3.804  7.459   -11.947 1.00 28.31 ? 82   GLU A CB  1 
ATOM   691 C CG  . GLU A 1 85 ? -3.436  8.795   -11.353 1.00 33.96 ? 82   GLU A CG  1 
ATOM   692 C CD  . GLU A 1 85 ? -1.973  9.089   -11.545 1.00 42.20 ? 82   GLU A CD  1 
ATOM   693 O OE1 . GLU A 1 85 ? -1.443  9.926   -10.775 1.00 46.54 ? 82   GLU A OE1 1 
ATOM   694 O OE2 . GLU A 1 85 ? -1.356  8.484   -12.475 1.00 43.82 ? 82   GLU A OE2 1 
ATOM   695 N N   . ARG A 1 86 ? -5.420  4.572   -11.746 1.00 30.43 ? 83   ARG A N   1 
ATOM   696 C CA  . ARG A 1 86 ? -5.586  3.271   -12.378 1.00 31.16 ? 83   ARG A CA  1 
ATOM   697 C C   . ARG A 1 86 ? -7.041  2.818   -12.423 1.00 32.78 ? 83   ARG A C   1 
ATOM   698 O O   . ARG A 1 86 ? -7.480  2.134   -13.386 1.00 31.31 ? 83   ARG A O   1 
ATOM   699 C CB  . ARG A 1 86 ? -4.753  2.235   -11.612 1.00 30.35 ? 83   ARG A CB  1 
ATOM   700 C CG  . ARG A 1 86 ? -4.419  0.943   -12.394 1.00 30.76 ? 83   ARG A CG  1 
ATOM   701 C CD  . ARG A 1 86 ? -3.617  -0.115  -11.563 1.00 24.47 ? 83   ARG A CD  1 
ATOM   702 N NE  . ARG A 1 86 ? -4.306  -0.423  -10.316 1.00 28.40 ? 83   ARG A NE  1 
ATOM   703 C CZ  . ARG A 1 86 ? -3.948  0.028   -9.108  1.00 24.59 ? 83   ARG A CZ  1 
ATOM   704 N NH1 . ARG A 1 86 ? -2.856  0.776   -8.956  1.00 21.33 ? 83   ARG A NH1 1 
ATOM   705 N NH2 . ARG A 1 86 ? -4.677  -0.282  -8.055  1.00 24.72 ? 83   ARG A NH2 1 
ATOM   706 N N   . GLY A 1 87 ? -7.781  3.203   -11.384 1.00 33.66 ? 84   GLY A N   1 
ATOM   707 C CA  . GLY A 1 87 ? -9.114  2.703   -11.143 1.00 36.93 ? 84   GLY A CA  1 
ATOM   708 C C   . GLY A 1 87 ? -10.145 3.238   -12.129 1.00 39.71 ? 84   GLY A C   1 
ATOM   709 O O   . GLY A 1 87 ? -9.793  3.956   -13.084 1.00 39.01 ? 84   GLY A O   1 
ATOM   710 N N   . PRO A 1 88 ? -11.400 2.832   -11.911 1.00 41.24 ? 85   PRO A N   1 
ATOM   711 C CA  . PRO A 1 88 ? -12.564 3.249   -12.713 1.00 42.95 ? 85   PRO A CA  1 
ATOM   712 C C   . PRO A 1 88 ? -12.904 4.741   -12.665 1.00 44.05 ? 85   PRO A C   1 
ATOM   713 O O   . PRO A 1 88 ? -13.127 5.301   -11.587 1.00 44.05 ? 85   PRO A O   1 
ATOM   714 C CB  . PRO A 1 88 ? -13.717 2.444   -12.094 1.00 43.18 ? 85   PRO A CB  1 
ATOM   715 C CG  . PRO A 1 88 ? -13.033 1.270   -11.402 1.00 43.20 ? 85   PRO A CG  1 
ATOM   716 C CD  . PRO A 1 88 ? -11.764 1.840   -10.874 1.00 42.07 ? 85   PRO A CD  1 
ATOM   717 N N   . VAL A 1 89 ? -12.959 5.359   -13.840 1.00 45.80 ? 86   VAL A N   1 
ATOM   718 C CA  . VAL A 1 89 ? -13.393 6.748   -13.966 1.00 47.71 ? 86   VAL A CA  1 
ATOM   719 C C   . VAL A 1 89 ? -14.926 6.746   -14.059 1.00 48.67 ? 86   VAL A C   1 
ATOM   720 O O   . VAL A 1 89 ? -15.501 6.250   -15.045 1.00 48.77 ? 86   VAL A O   1 
ATOM   721 C CB  . VAL A 1 89 ? -12.764 7.449   -15.192 1.00 47.52 ? 86   VAL A CB  1 
ATOM   722 C CG1 . VAL A 1 89 ? -13.455 8.761   -15.455 1.00 48.06 ? 86   VAL A CG1 1 
ATOM   723 C CG2 . VAL A 1 89 ? -11.274 7.685   -14.983 1.00 48.81 ? 86   VAL A CG2 1 
ATOM   724 N N   . ALA A 1 90 ? -15.574 7.287   -13.023 1.00 49.62 ? 87   ALA A N   1 
ATOM   725 C CA  . ALA A 1 90 ? -17.021 7.148   -12.841 1.00 50.61 ? 87   ALA A CA  1 
ATOM   726 C C   . ALA A 1 90 ? -17.830 8.424   -13.148 1.00 51.46 ? 87   ALA A C   1 
ATOM   727 O O   . ALA A 1 90 ? -17.696 9.419   -12.435 1.00 51.46 ? 87   ALA A O   1 
ATOM   728 C CB  . ALA A 1 90 ? -17.300 6.660   -11.418 1.00 50.49 ? 87   ALA A CB  1 
ATOM   729 N N   . ILE A 1 91 ? -18.676 8.402   -14.187 1.00 52.54 ? 88   ILE A N   1 
ATOM   730 C CA  . ILE A 1 91 ? -19.583 9.547   -14.443 1.00 53.78 ? 88   ILE A CA  1 
ATOM   731 C C   . ILE A 1 91 ? -20.669 9.747   -13.359 1.00 54.53 ? 88   ILE A C   1 
ATOM   732 O O   . ILE A 1 91 ? -20.952 8.887   -12.501 1.00 55.07 ? 88   ILE A O   1 
ATOM   733 C CB  . ILE A 1 91 ? -20.252 9.514   -15.866 1.00 53.77 ? 88   ILE A CB  1 
ATOM   734 C CG1 . ILE A 1 91 ? -20.730 8.099   -16.251 1.00 53.89 ? 88   ILE A CG1 1 
ATOM   735 C CG2 . ILE A 1 91 ? -19.353 10.192  -16.924 1.00 53.89 ? 88   ILE A CG2 1 
ATOM   736 C CD1 . ILE A 1 91 ? -21.237 7.969   -17.707 1.00 53.64 ? 88   ILE A CD1 1 
ATOM   737 O OXT . ILE A 1 91 ? -21.320 10.807  -13.309 1.00 55.07 ? 88   ILE A OXT 1 
HETATM 738 O O   . HOH B 2 .  ? 0.382   17.811  1.016   1.00 25.61 ? 1001 HOH A O   1 
HETATM 739 O O   . HOH B 2 .  ? -1.785  -12.420 4.357   1.00 26.33 ? 1002 HOH A O   1 
HETATM 740 O O   . HOH B 2 .  ? -7.018  5.438   -0.453  1.00 20.99 ? 1003 HOH A O   1 
HETATM 741 O O   . HOH B 2 .  ? -3.056  9.206   5.702   1.00 23.58 ? 1004 HOH A O   1 
HETATM 742 O O   . HOH B 2 .  ? -4.535  -6.186  11.409  1.00 24.74 ? 1005 HOH A O   1 
HETATM 743 O O   . HOH B 2 .  ? 3.738   9.842   -1.947  1.00 23.58 ? 1006 HOH A O   1 
HETATM 744 O O   . HOH B 2 .  ? -7.875  1.671   -8.284  1.00 25.80 ? 1007 HOH A O   1 
HETATM 745 O O   . HOH B 2 .  ? 5.618   -1.014  10.271  1.00 30.37 ? 1008 HOH A O   1 
HETATM 746 O O   . HOH B 2 .  ? -5.311  5.214   12.872  1.00 28.52 ? 1009 HOH A O   1 
HETATM 747 O O   . HOH B 2 .  ? -1.465  4.277   -11.446 1.00 23.77 ? 1010 HOH A O   1 
HETATM 748 O O   . HOH B 2 .  ? 4.048   11.879  8.953   1.00 24.57 ? 1011 HOH A O   1 
HETATM 749 O O   . HOH B 2 .  ? 0.020   6.333   -12.355 1.00 33.24 ? 1012 HOH A O   1 
HETATM 750 O O   . HOH B 2 .  ? -7.494  2.250   -3.096  1.00 28.39 ? 1013 HOH A O   1 
HETATM 751 O O   . HOH B 2 .  ? 4.486   -1.391  -11.947 1.00 29.55 ? 1014 HOH A O   1 
HETATM 752 O O   . HOH B 2 .  ? -19.835 13.177  -14.951 1.00 34.86 ? 1015 HOH A O   1 
HETATM 753 O O   . HOH B 2 .  ? -8.940  6.245   -12.839 1.00 32.63 ? 1016 HOH A O   1 
HETATM 754 O O   . HOH B 2 .  ? -18.198 12.308  -12.423 1.00 27.48 ? 1017 HOH A O   1 
HETATM 755 O O   . HOH B 2 .  ? -12.918 3.740   -16.533 1.00 37.73 ? 1018 HOH A O   1 
HETATM 756 O O   . HOH B 2 .  ? 13.300  9.191   5.232   1.00 33.30 ? 1019 HOH A O   1 
HETATM 757 O O   . HOH B 2 .  ? 8.859   6.530   -7.550  1.00 37.45 ? 1020 HOH A O   1 
HETATM 758 O O   . HOH B 2 .  ? 2.221   -15.082 -3.095  1.00 35.02 ? 1021 HOH A O   1 
HETATM 759 O O   . HOH B 2 .  ? 6.007   -6.851  5.504   1.00 32.40 ? 1022 HOH A O   1 
HETATM 760 O O   . HOH B 2 .  ? 1.517   16.236  4.921   1.00 39.71 ? 1023 HOH A O   1 
HETATM 761 O O   . HOH B 2 .  ? -0.216  0.044   12.924  1.00 31.72 ? 1024 HOH A O   1 
HETATM 762 O O   . HOH B 2 .  ? -0.320  0.648   -13.303 1.00 31.87 ? 1025 HOH A O   1 
HETATM 763 O O   . HOH B 2 .  ? -4.274  -8.796  7.848   1.00 35.62 ? 1026 HOH A O   1 
HETATM 764 O O   . HOH B 2 .  ? -0.881  1.345   16.377  1.00 37.84 ? 1027 HOH A O   1 
HETATM 765 O O   . HOH B 2 .  ? 9.670   4.017   -11.874 1.00 39.08 ? 1028 HOH A O   1 
HETATM 766 O O   . HOH B 2 .  ? 4.477   -4.275  -10.406 1.00 40.46 ? 1029 HOH A O   1 
HETATM 767 O O   . HOH B 2 .  ? -6.231  6.842   -15.741 1.00 47.88 ? 1030 HOH A O   1 
HETATM 768 O O   . HOH B 2 .  ? -2.460  11.051  -2.289  1.00 36.82 ? 1031 HOH A O   1 
HETATM 769 O O   . HOH B 2 .  ? -8.304  0.779   -5.433  1.00 33.57 ? 1032 HOH A O   1 
HETATM 770 O O   . HOH B 2 .  ? 16.038  2.261   -6.458  1.00 34.08 ? 1033 HOH A O   1 
HETATM 771 O O   . HOH B 2 .  ? 16.317  3.579   -4.069  1.00 34.25 ? 1034 HOH A O   1 
HETATM 772 O O   . HOH B 2 .  ? 11.631  -2.620  5.044   1.00 35.07 ? 1035 HOH A O   1 
HETATM 773 O O   . HOH B 2 .  ? -7.872  -1.003  -8.974  1.00 44.22 ? 1036 HOH A O   1 
HETATM 774 O O   . HOH B 2 .  ? -0.604  9.625   4.982   1.00 38.81 ? 1037 HOH A O   1 
# 
